data_7RDL
#
_entry.id   7RDL
#
_cell.length_a   70.079
_cell.length_b   105.471
_cell.length_c   145.926
_cell.angle_alpha   90.000
_cell.angle_beta   90.000
_cell.angle_gamma   90.000
#
_symmetry.space_group_name_H-M   'P 21 21 21'
#
loop_
_entity.id
_entity.type
_entity.pdbx_description
1 polymer 'PCDN-22A Fab light chain'
2 polymer 'PCDN-22A Fab heavy chain'
3 non-polymer 2-AMINO-2-HYDROXYMETHYL-PROPANE-1,3-DIOL
4 water water
#
loop_
_entity_poly.entity_id
_entity_poly.type
_entity_poly.pdbx_seq_one_letter_code
_entity_poly.pdbx_strand_id
1 'polypeptide(L)'
;VHEIVLTQSPGTLSLSPGERATLSCRASQSVSAKNLAWYQQKPGQAPRLLMYGVSIKNTGVSDRFSGSGSGTDFTLTISR
LEPEDFAVYYCQQYGSSPTFGQGTKVEIKRTVAAPSVFIFPPSDEQLKSGTASVVCLLNNFYPREAKVQWKVDNALQSGN
SQESVTEQDSKDSTYSLSSTLTLSKADYEKHKVYACEVTHQGLSSPVTKSFNRGEC
;
A,C
2 'polypeptide(L)'
;QVQLQQWGAGLLKPSETLSLTCAVYGESFSAFSWSWIRQPPGKGLEWIGEVDHSGSTNYNPSLKSRVTISVDTSKNQFFL
KLVSLTAADTAVYYCARGGRKVYHPYWTGYVNNCFDPWGQGTLVTVSSASTKGPSVFPLAPSSKSTSGGTAALGCLVKDY
FPEPVTVSWNSGALTSGVHTFPAVLQSSGLYSLSSVVTVPSSSLGTQTYICNVNHKPSNTKVDKRVEPKSCD
;
B,D
#
# COMPACT_ATOMS: atom_id res chain seq x y z
N VAL A 1 26.27 34.50 -3.93
CA VAL A 1 27.40 34.21 -3.05
C VAL A 1 27.08 34.67 -1.64
N HIS A 2 26.33 35.76 -1.53
CA HIS A 2 25.89 36.23 -0.23
C HIS A 2 25.01 35.17 0.45
N GLU A 3 25.38 34.78 1.67
CA GLU A 3 24.69 33.73 2.41
C GLU A 3 23.78 34.33 3.46
N ILE A 4 22.50 34.00 3.40
CA ILE A 4 21.49 34.56 4.29
C ILE A 4 20.76 33.41 4.97
N VAL A 5 20.77 33.42 6.31
CA VAL A 5 20.13 32.38 7.10
C VAL A 5 18.77 32.87 7.55
N LEU A 6 17.72 32.10 7.24
CA LEU A 6 16.35 32.42 7.62
C LEU A 6 15.92 31.51 8.76
N THR A 7 15.45 32.10 9.86
CA THR A 7 14.93 31.36 11.00
C THR A 7 13.44 31.68 11.15
N GLN A 8 12.62 30.64 11.25
CA GLN A 8 11.18 30.80 11.35
C GLN A 8 10.71 30.61 12.79
N SER A 9 9.68 31.37 13.16
CA SER A 9 9.13 31.34 14.50
C SER A 9 7.61 31.41 14.45
N PRO A 10 6.91 30.61 15.27
CA PRO A 10 7.55 29.58 16.10
C PRO A 10 7.83 28.32 15.31
N GLY A 11 8.45 27.31 15.95
CA GLY A 11 8.63 26.05 15.27
C GLY A 11 7.32 25.32 15.05
N THR A 12 6.42 25.39 16.02
CA THR A 12 5.10 24.79 15.93
C THR A 12 4.09 25.80 16.46
N LEU A 13 3.05 26.06 15.67
CA LEU A 13 1.98 26.99 16.03
C LEU A 13 0.71 26.18 16.19
N SER A 14 0.25 26.06 17.44
CA SER A 14 -0.91 25.24 17.77
C SER A 14 -2.13 26.15 17.89
N LEU A 15 -3.02 26.07 16.91
CA LEU A 15 -4.20 26.93 16.87
C LEU A 15 -5.42 26.11 16.47
N SER A 16 -6.59 26.67 16.74
CA SER A 16 -7.88 26.08 16.44
C SER A 16 -8.47 26.73 15.18
N PRO A 17 -9.40 26.04 14.50
CA PRO A 17 -10.04 26.65 13.33
C PRO A 17 -10.79 27.91 13.70
N GLY A 18 -10.78 28.88 12.79
CA GLY A 18 -11.40 30.17 12.99
C GLY A 18 -10.45 31.25 13.48
N GLU A 19 -9.37 30.85 14.16
CA GLU A 19 -8.39 31.79 14.68
C GLU A 19 -7.47 32.26 13.56
N ARG A 20 -6.54 33.16 13.90
CA ARG A 20 -5.58 33.69 12.95
C ARG A 20 -4.18 33.21 13.30
N ALA A 21 -3.37 32.95 12.29
CA ALA A 21 -2.01 32.45 12.45
C ALA A 21 -1.00 33.51 12.02
N THR A 22 0.07 33.65 12.79
CA THR A 22 1.12 34.63 12.50
C THR A 22 2.47 33.93 12.53
N LEU A 23 3.07 33.74 11.36
CA LEU A 23 4.37 33.10 11.24
C LEU A 23 5.41 34.16 10.88
N SER A 24 6.58 34.08 11.50
CA SER A 24 7.61 35.09 11.32
C SER A 24 8.88 34.47 10.75
N CYS A 25 9.55 35.22 9.88
CA CYS A 25 10.78 34.81 9.22
C CYS A 25 11.82 35.90 9.46
N ARG A 26 12.88 35.56 10.21
CA ARG A 26 13.95 36.48 10.50
C ARG A 26 15.18 36.13 9.67
N ALA A 27 15.74 37.14 9.01
CA ALA A 27 16.93 36.97 8.19
C ALA A 27 18.15 37.47 8.94
N SER A 28 19.24 36.70 8.87
CA SER A 28 20.49 37.12 9.51
C SER A 28 21.00 38.41 8.92
N GLN A 29 20.82 38.62 7.61
CA GLN A 29 21.16 39.87 6.94
C GLN A 29 19.97 40.30 6.09
N SER A 30 19.94 41.60 5.78
CA SER A 30 18.77 42.18 5.12
C SER A 30 18.48 41.51 3.79
N VAL A 31 17.20 41.24 3.54
CA VAL A 31 16.74 40.71 2.26
C VAL A 31 16.38 41.88 1.37
N SER A 32 17.02 41.96 0.21
CA SER A 32 16.90 43.14 -0.63
C SER A 32 15.51 43.26 -1.24
N ALA A 33 15.02 44.50 -1.31
CA ALA A 33 13.76 44.86 -1.98
C ALA A 33 12.64 44.03 -1.35
N LYS A 34 11.81 43.33 -2.12
CA LYS A 34 10.75 42.48 -1.60
C LYS A 34 10.97 41.05 -2.05
N ASN A 35 12.22 40.59 -2.02
CA ASN A 35 12.59 39.29 -2.58
C ASN A 35 12.43 38.19 -1.53
N LEU A 36 11.18 37.92 -1.17
CA LEU A 36 10.88 36.83 -0.26
C LEU A 36 9.57 36.16 -0.68
N ALA A 37 9.50 34.86 -0.40
CA ALA A 37 8.36 34.04 -0.78
C ALA A 37 8.00 33.11 0.38
N TRP A 38 6.76 32.63 0.34
CA TRP A 38 6.23 31.66 1.29
C TRP A 38 5.62 30.50 0.52
N TYR A 39 5.93 29.29 0.98
CA TYR A 39 5.43 28.06 0.39
C TYR A 39 4.64 27.26 1.42
N GLN A 40 3.60 26.57 0.96
CA GLN A 40 2.78 25.70 1.78
C GLN A 40 2.98 24.27 1.32
N GLN A 41 3.17 23.36 2.27
CA GLN A 41 3.35 21.95 1.98
C GLN A 41 2.47 21.13 2.90
N LYS A 42 1.60 20.31 2.32
CA LYS A 42 0.77 19.36 3.04
C LYS A 42 1.45 18.00 3.10
N PRO A 43 1.07 17.14 4.05
CA PRO A 43 1.78 15.87 4.22
C PRO A 43 1.75 15.02 2.96
N GLY A 44 2.94 14.64 2.49
CA GLY A 44 3.06 13.80 1.33
C GLY A 44 2.67 14.45 0.02
N GLN A 45 2.93 15.75 -0.13
CA GLN A 45 2.61 16.46 -1.36
C GLN A 45 3.76 17.39 -1.72
N ALA A 46 3.76 17.81 -2.98
CA ALA A 46 4.77 18.75 -3.46
C ALA A 46 4.55 20.12 -2.83
N PRO A 47 5.62 20.88 -2.62
CA PRO A 47 5.45 22.23 -2.08
C PRO A 47 4.66 23.11 -3.05
N ARG A 48 3.92 24.05 -2.48
CA ARG A 48 3.04 24.93 -3.24
C ARG A 48 3.45 26.38 -3.00
N LEU A 49 3.70 27.12 -4.08
CA LEU A 49 4.02 28.53 -3.96
C LEU A 49 2.83 29.28 -3.40
N LEU A 50 2.95 29.81 -2.19
CA LEU A 50 1.82 30.50 -1.57
C LEU A 50 1.86 32.00 -1.83
N MET A 51 3.04 32.61 -1.74
CA MET A 51 3.17 34.06 -1.86
C MET A 51 4.56 34.40 -2.33
N TYR A 52 4.67 35.43 -3.17
CA TYR A 52 5.96 35.95 -3.60
C TYR A 52 5.94 37.46 -3.50
N GLY A 53 7.12 38.06 -3.66
CA GLY A 53 7.23 39.51 -3.53
C GLY A 53 6.77 40.02 -2.17
N VAL A 54 7.04 39.26 -1.11
CA VAL A 54 6.66 39.57 0.27
C VAL A 54 5.15 39.46 0.45
N SER A 55 4.37 40.11 -0.43
CA SER A 55 2.95 40.26 -0.19
C SER A 55 2.07 39.96 -1.40
N ILE A 56 2.63 39.44 -2.49
CA ILE A 56 1.86 39.17 -3.71
C ILE A 56 1.44 37.70 -3.71
N LYS A 57 0.13 37.46 -3.67
CA LYS A 57 -0.38 36.10 -3.65
C LYS A 57 -0.22 35.44 -5.03
N ASN A 58 -0.08 34.13 -5.01
CA ASN A 58 -0.04 33.36 -6.25
C ASN A 58 -1.46 33.11 -6.76
N THR A 59 -1.55 32.66 -8.01
CA THR A 59 -2.85 32.40 -8.61
C THR A 59 -3.55 31.24 -7.91
N GLY A 60 -4.78 31.47 -7.47
CA GLY A 60 -5.56 30.45 -6.79
C GLY A 60 -5.39 30.40 -5.29
N VAL A 61 -4.82 31.43 -4.68
CA VAL A 61 -4.62 31.48 -3.23
C VAL A 61 -5.68 32.38 -2.63
N SER A 62 -6.32 31.90 -1.56
CA SER A 62 -7.43 32.62 -0.96
C SER A 62 -6.96 33.93 -0.33
N ASP A 63 -7.92 34.83 -0.11
CA ASP A 63 -7.66 36.13 0.49
C ASP A 63 -7.25 36.05 1.96
N ARG A 64 -7.37 34.87 2.57
CA ARG A 64 -7.05 34.70 3.98
C ARG A 64 -5.56 34.76 4.26
N PHE A 65 -4.72 34.80 3.22
CA PHE A 65 -3.27 34.87 3.39
C PHE A 65 -2.78 36.28 3.09
N SER A 66 -1.90 36.80 3.95
CA SER A 66 -1.34 38.13 3.81
C SER A 66 0.15 38.08 4.13
N GLY A 67 0.94 38.84 3.39
CA GLY A 67 2.37 38.92 3.62
C GLY A 67 2.80 40.34 3.93
N SER A 68 3.79 40.47 4.82
CA SER A 68 4.28 41.79 5.20
C SER A 68 5.72 41.68 5.65
N GLY A 69 6.34 42.83 5.87
CA GLY A 69 7.68 42.90 6.41
C GLY A 69 8.70 43.35 5.38
N SER A 70 9.92 43.54 5.86
CA SER A 70 11.03 44.00 5.03
C SER A 70 12.33 43.76 5.80
N GLY A 71 13.44 44.06 5.13
CA GLY A 71 14.77 43.96 5.74
C GLY A 71 15.10 42.59 6.26
N THR A 72 14.97 42.42 7.58
CA THR A 72 15.27 41.15 8.23
C THR A 72 14.05 40.51 8.89
N ASP A 73 12.89 41.17 8.88
CA ASP A 73 11.71 40.67 9.59
C ASP A 73 10.55 40.58 8.60
N PHE A 74 9.99 39.39 8.43
CA PHE A 74 8.88 39.17 7.53
C PHE A 74 7.80 38.34 8.22
N THR A 75 6.56 38.50 7.77
CA THR A 75 5.42 37.92 8.46
C THR A 75 4.40 37.40 7.46
N LEU A 76 3.86 36.21 7.74
CA LEU A 76 2.74 35.63 7.02
C LEU A 76 1.56 35.49 7.99
N THR A 77 0.42 36.06 7.60
CA THR A 77 -0.77 36.08 8.44
C THR A 77 -1.90 35.33 7.74
N ILE A 78 -2.55 34.44 8.48
CA ILE A 78 -3.73 33.72 8.02
C ILE A 78 -4.90 34.21 8.85
N SER A 79 -5.84 34.90 8.20
CA SER A 79 -6.92 35.57 8.92
C SER A 79 -7.82 34.56 9.63
N ARG A 80 -8.43 33.65 8.87
CA ARG A 80 -9.31 32.63 9.44
C ARG A 80 -8.78 31.26 9.04
N LEU A 81 -8.35 30.48 10.02
CA LEU A 81 -7.78 29.17 9.75
C LEU A 81 -8.86 28.18 9.34
N GLU A 82 -8.65 27.51 8.21
CA GLU A 82 -9.49 26.44 7.73
C GLU A 82 -8.80 25.09 7.93
N PRO A 83 -9.54 23.99 7.93
CA PRO A 83 -8.89 22.68 8.03
C PRO A 83 -7.85 22.42 6.95
N GLU A 84 -7.94 23.12 5.81
CA GLU A 84 -6.92 22.97 4.78
C GLU A 84 -5.60 23.60 5.17
N ASP A 85 -5.64 24.71 5.92
CA ASP A 85 -4.45 25.52 6.19
C ASP A 85 -3.45 24.85 7.12
N PHE A 86 -3.84 23.77 7.81
CA PHE A 86 -2.94 23.14 8.77
C PHE A 86 -1.92 22.30 8.00
N ALA A 87 -0.67 22.75 8.02
CA ALA A 87 0.37 22.20 7.14
C ALA A 87 1.69 22.85 7.53
N VAL A 88 2.73 22.65 6.71
CA VAL A 88 4.03 23.27 6.97
C VAL A 88 4.20 24.46 6.03
N TYR A 89 4.78 25.54 6.55
CA TYR A 89 5.01 26.75 5.79
C TYR A 89 6.49 27.10 5.84
N TYR A 90 7.08 27.34 4.67
CA TYR A 90 8.48 27.70 4.55
C TYR A 90 8.61 29.10 3.97
N CYS A 91 9.56 29.87 4.49
CA CYS A 91 9.95 31.11 3.85
C CYS A 91 11.23 30.89 3.04
N GLN A 92 11.33 31.60 1.93
CA GLN A 92 12.46 31.50 1.03
C GLN A 92 12.89 32.91 0.62
N GLN A 93 14.19 33.16 0.65
CA GLN A 93 14.75 34.43 0.24
C GLN A 93 15.46 34.28 -1.10
N TYR A 94 15.24 35.23 -2.00
CA TYR A 94 15.95 35.25 -3.27
C TYR A 94 16.60 36.61 -3.51
N GLY A 95 16.93 37.33 -2.44
CA GLY A 95 17.79 38.50 -2.57
C GLY A 95 19.24 38.14 -2.84
N SER A 96 19.63 36.91 -2.52
CA SER A 96 20.94 36.37 -2.89
C SER A 96 20.78 34.96 -3.41
N SER A 97 21.75 34.09 -3.14
CA SER A 97 21.55 32.68 -3.42
C SER A 97 20.39 32.15 -2.60
N PRO A 98 19.39 31.52 -3.22
CA PRO A 98 18.17 31.17 -2.49
C PRO A 98 18.45 30.27 -1.29
N THR A 99 17.76 30.55 -0.19
CA THR A 99 17.81 29.72 1.01
C THR A 99 16.40 29.58 1.57
N PHE A 100 16.15 28.46 2.23
CA PHE A 100 14.86 28.15 2.83
C PHE A 100 14.96 28.24 4.35
N GLY A 101 13.84 28.55 4.98
CA GLY A 101 13.73 28.39 6.41
C GLY A 101 13.48 26.94 6.79
N GLN A 102 13.57 26.66 8.10
CA GLN A 102 13.38 25.29 8.57
C GLN A 102 11.91 24.87 8.59
N GLY A 103 10.99 25.81 8.43
CA GLY A 103 9.58 25.48 8.34
C GLY A 103 8.85 25.67 9.65
N THR A 104 7.56 25.99 9.56
CA THR A 104 6.69 26.14 10.71
C THR A 104 5.42 25.33 10.46
N LYS A 105 5.08 24.46 11.41
CA LYS A 105 3.89 23.63 11.29
C LYS A 105 2.70 24.29 11.99
N VAL A 106 1.61 24.46 11.25
CA VAL A 106 0.33 24.91 11.81
C VAL A 106 -0.53 23.66 11.99
N GLU A 107 -0.89 23.39 13.25
CA GLU A 107 -1.52 22.13 13.66
C GLU A 107 -2.75 22.41 14.51
N ILE A 108 -3.60 21.39 14.62
CA ILE A 108 -4.82 21.49 15.41
C ILE A 108 -4.47 21.50 16.89
N LYS A 109 -5.12 22.40 17.64
CA LYS A 109 -4.92 22.50 19.08
C LYS A 109 -5.96 21.69 19.83
N ARG A 110 -5.53 21.08 20.94
CA ARG A 110 -6.43 20.33 21.81
C ARG A 110 -5.91 20.39 23.23
N THR A 111 -6.63 19.73 24.14
CA THR A 111 -6.26 19.71 25.55
C THR A 111 -5.00 18.89 25.77
N VAL A 112 -4.20 19.29 26.76
CA VAL A 112 -2.98 18.56 27.09
C VAL A 112 -3.34 17.16 27.55
N ALA A 113 -2.72 16.16 26.93
CA ALA A 113 -2.97 14.75 27.22
C ALA A 113 -1.66 14.07 27.57
N ALA A 114 -1.66 13.30 28.66
CA ALA A 114 -0.47 12.58 29.09
C ALA A 114 -0.34 11.26 28.31
N PRO A 115 0.88 10.85 28.01
CA PRO A 115 1.08 9.59 27.27
C PRO A 115 0.96 8.37 28.16
N SER A 116 0.56 7.26 27.55
CA SER A 116 0.64 5.95 28.18
C SER A 116 1.95 5.29 27.76
N VAL A 117 2.79 4.96 28.74
CA VAL A 117 4.14 4.46 28.46
C VAL A 117 4.14 2.94 28.65
N PHE A 118 4.68 2.24 27.67
CA PHE A 118 4.84 0.79 27.72
C PHE A 118 6.26 0.44 27.26
N ILE A 119 6.73 -0.71 27.73
CA ILE A 119 8.06 -1.20 27.36
C ILE A 119 7.95 -2.66 26.93
N PHE A 120 8.59 -2.99 25.82
CA PHE A 120 8.57 -4.34 25.25
C PHE A 120 9.99 -4.87 25.16
N PRO A 121 10.31 -5.97 25.84
CA PRO A 121 11.62 -6.60 25.70
C PRO A 121 11.72 -7.36 24.40
N PRO A 122 12.93 -7.71 23.97
CA PRO A 122 13.07 -8.48 22.72
C PRO A 122 12.58 -9.92 22.89
N SER A 123 11.92 -10.42 21.85
CA SER A 123 11.42 -11.78 21.85
C SER A 123 12.57 -12.78 21.73
N ASP A 124 12.33 -14.01 22.22
CA ASP A 124 13.38 -15.02 22.24
C ASP A 124 13.81 -15.41 20.83
N GLU A 125 12.88 -15.40 19.87
CA GLU A 125 13.26 -15.65 18.48
C GLU A 125 14.26 -14.60 18.00
N GLN A 126 14.04 -13.33 18.36
CA GLN A 126 14.97 -12.28 17.99
C GLN A 126 16.31 -12.46 18.68
N LEU A 127 16.31 -12.89 19.95
CA LEU A 127 17.58 -13.20 20.62
C LEU A 127 18.34 -14.28 19.87
N LYS A 128 17.64 -15.34 19.44
CA LYS A 128 18.29 -16.36 18.62
C LYS A 128 18.74 -15.81 17.27
N SER A 129 18.09 -14.76 16.77
CA SER A 129 18.51 -14.13 15.52
C SER A 129 19.83 -13.38 15.64
N GLY A 130 20.30 -13.10 16.86
CA GLY A 130 21.57 -12.44 17.07
C GLY A 130 21.52 -10.96 17.34
N THR A 131 20.32 -10.37 17.41
CA THR A 131 20.17 -8.95 17.70
C THR A 131 19.05 -8.78 18.73
N ALA A 132 19.10 -7.66 19.46
CA ALA A 132 18.09 -7.37 20.47
C ALA A 132 17.55 -5.97 20.26
N SER A 133 16.23 -5.82 20.31
CA SER A 133 15.57 -4.53 20.18
C SER A 133 14.61 -4.36 21.34
N VAL A 134 14.78 -3.29 22.11
CA VAL A 134 13.89 -2.94 23.21
C VAL A 134 13.05 -1.75 22.77
N VAL A 135 11.73 -1.86 22.93
CA VAL A 135 10.80 -0.86 22.41
C VAL A 135 10.18 -0.11 23.57
N CYS A 136 10.18 1.22 23.49
CA CYS A 136 9.52 2.09 24.46
C CYS A 136 8.44 2.84 23.69
N LEU A 137 7.17 2.59 24.04
CA LEU A 137 6.03 3.14 23.34
C LEU A 137 5.37 4.22 24.18
N LEU A 138 5.10 5.37 23.57
CA LEU A 138 4.38 6.49 24.17
C LEU A 138 3.10 6.68 23.36
N ASN A 139 1.96 6.33 23.96
CA ASN A 139 0.69 6.26 23.26
C ASN A 139 -0.17 7.46 23.64
N ASN A 140 -0.68 8.16 22.62
CA ASN A 140 -1.68 9.22 22.78
C ASN A 140 -1.20 10.33 23.72
N PHE A 141 -0.51 11.33 23.19
CA PHE A 141 -0.04 12.44 24.00
C PHE A 141 -0.08 13.72 23.18
N TYR A 142 -0.11 14.84 23.90
CA TYR A 142 -0.10 16.17 23.30
C TYR A 142 0.44 17.14 24.33
N PRO A 143 1.34 18.07 23.96
CA PRO A 143 1.85 18.30 22.61
C PRO A 143 2.92 17.30 22.19
N ARG A 144 3.53 17.53 21.01
CA ARG A 144 4.47 16.58 20.44
C ARG A 144 5.75 16.48 21.28
N GLU A 145 6.16 17.56 21.94
CA GLU A 145 7.43 17.59 22.66
C GLU A 145 7.46 16.60 23.82
N ALA A 146 8.29 15.57 23.69
CA ALA A 146 8.48 14.57 24.74
C ALA A 146 9.89 14.02 24.63
N LYS A 147 10.46 13.67 25.79
CA LYS A 147 11.86 13.23 25.87
C LYS A 147 11.92 11.80 26.39
N VAL A 148 12.60 10.93 25.65
CA VAL A 148 12.78 9.53 26.01
C VAL A 148 14.27 9.30 26.23
N GLN A 149 14.61 8.69 27.37
CA GLN A 149 16.00 8.44 27.74
C GLN A 149 16.17 6.98 28.10
N TRP A 150 17.17 6.33 27.52
CA TRP A 150 17.46 4.92 27.79
C TRP A 150 18.53 4.79 28.86
N LYS A 151 18.30 3.85 29.79
CA LYS A 151 19.24 3.57 30.87
C LYS A 151 19.43 2.07 30.98
N VAL A 152 20.66 1.61 30.74
CA VAL A 152 21.02 0.20 30.86
C VAL A 152 21.95 0.07 32.06
N ASP A 153 21.43 -0.53 33.15
CA ASP A 153 22.13 -0.61 34.43
C ASP A 153 22.54 0.78 34.91
N ASN A 154 21.58 1.71 34.88
CA ASN A 154 21.75 3.09 35.33
C ASN A 154 22.76 3.86 34.49
N ALA A 155 23.11 3.35 33.32
CA ALA A 155 24.05 4.01 32.41
C ALA A 155 23.27 4.67 31.28
N LEU A 156 23.51 5.96 31.07
CA LEU A 156 22.83 6.69 30.01
C LEU A 156 23.38 6.29 28.65
N GLN A 157 22.49 5.87 27.75
CA GLN A 157 22.86 5.42 26.42
C GLN A 157 22.61 6.51 25.40
N SER A 158 23.48 6.59 24.40
CA SER A 158 23.35 7.58 23.33
C SER A 158 23.86 6.99 22.03
N GLY A 159 23.28 7.44 20.92
CA GLY A 159 23.69 7.00 19.60
C GLY A 159 23.26 5.61 19.20
N ASN A 160 22.57 4.88 20.08
CA ASN A 160 22.12 3.52 19.79
C ASN A 160 20.61 3.37 19.89
N SER A 161 19.88 4.48 19.81
CA SER A 161 18.42 4.48 19.88
C SER A 161 17.86 5.32 18.73
N GLN A 162 16.72 4.88 18.20
CA GLN A 162 16.08 5.57 17.09
C GLN A 162 14.59 5.77 17.38
N GLU A 163 14.08 6.94 17.03
CA GLU A 163 12.71 7.32 17.32
C GLU A 163 11.86 7.35 16.06
N SER A 164 10.55 7.23 16.26
CA SER A 164 9.57 7.36 15.18
C SER A 164 8.29 7.94 15.77
N VAL A 165 7.64 8.81 15.00
CA VAL A 165 6.44 9.51 15.46
C VAL A 165 5.38 9.46 14.37
N THR A 166 4.14 9.20 14.78
CA THR A 166 3.01 9.22 13.86
C THR A 166 2.52 10.66 13.65
N GLU A 167 1.85 10.87 12.52
CA GLU A 167 1.21 12.16 12.28
C GLU A 167 0.01 12.34 13.19
N GLN A 168 -0.32 13.60 13.47
CA GLN A 168 -1.48 13.91 14.31
C GLN A 168 -2.73 13.24 13.76
N ASP A 169 -3.42 12.49 14.62
CA ASP A 169 -4.59 11.74 14.19
C ASP A 169 -5.75 12.67 13.86
N SER A 170 -6.62 12.20 12.97
CA SER A 170 -7.74 13.03 12.52
C SER A 170 -8.81 13.18 13.59
N LYS A 171 -8.96 12.19 14.48
CA LYS A 171 -10.06 12.17 15.45
C LYS A 171 -9.66 12.85 16.75
N ASP A 172 -8.75 12.24 17.51
CA ASP A 172 -8.39 12.75 18.82
C ASP A 172 -7.24 13.76 18.78
N SER A 173 -6.62 13.95 17.61
CA SER A 173 -5.57 14.95 17.42
C SER A 173 -4.41 14.76 18.38
N THR A 174 -3.97 13.51 18.53
CA THR A 174 -2.87 13.17 19.41
C THR A 174 -1.68 12.64 18.59
N TYR A 175 -0.58 12.43 19.28
CA TYR A 175 0.63 11.87 18.70
C TYR A 175 0.99 10.57 19.39
N SER A 176 1.80 9.76 18.72
CA SER A 176 2.34 8.54 19.29
C SER A 176 3.80 8.38 18.89
N LEU A 177 4.62 7.91 19.81
CA LEU A 177 6.06 7.83 19.59
C LEU A 177 6.56 6.44 19.97
N SER A 178 7.60 6.00 19.27
CA SER A 178 8.27 4.73 19.57
C SER A 178 9.77 4.95 19.55
N SER A 179 10.44 4.49 20.61
CA SER A 179 11.90 4.54 20.70
C SER A 179 12.43 3.12 20.74
N THR A 180 13.27 2.77 19.77
CA THR A 180 13.85 1.44 19.66
C THR A 180 15.33 1.52 20.02
N LEU A 181 15.74 0.70 21.00
CA LEU A 181 17.13 0.57 21.41
C LEU A 181 17.66 -0.75 20.88
N THR A 182 18.67 -0.68 20.02
CA THR A 182 19.21 -1.85 19.34
C THR A 182 20.59 -2.20 19.91
N LEU A 183 20.75 -3.47 20.29
CA LEU A 183 22.00 -3.96 20.84
C LEU A 183 22.33 -5.31 20.21
N SER A 184 23.60 -5.71 20.34
CA SER A 184 24.00 -7.06 20.00
C SER A 184 23.61 -8.01 21.12
N LYS A 185 23.55 -9.30 20.79
CA LYS A 185 23.14 -10.30 21.78
C LYS A 185 24.12 -10.34 22.94
N ALA A 186 25.41 -10.18 22.68
CA ALA A 186 26.40 -10.16 23.75
C ALA A 186 26.22 -8.96 24.66
N ASP A 187 26.13 -7.76 24.07
CA ASP A 187 25.91 -6.55 24.87
C ASP A 187 24.59 -6.61 25.62
N TYR A 188 23.58 -7.26 25.05
CA TYR A 188 22.30 -7.37 25.75
C TYR A 188 22.39 -8.33 26.93
N GLU A 189 23.03 -9.49 26.74
CA GLU A 189 23.13 -10.46 27.81
C GLU A 189 24.16 -10.09 28.86
N LYS A 190 25.02 -9.11 28.59
CA LYS A 190 25.97 -8.66 29.60
C LYS A 190 25.27 -7.95 30.75
N HIS A 191 24.34 -7.05 30.44
CA HIS A 191 23.66 -6.27 31.47
C HIS A 191 22.33 -6.95 31.83
N LYS A 192 21.58 -6.30 32.72
CA LYS A 192 20.36 -6.93 33.23
C LYS A 192 19.14 -6.00 33.23
N VAL A 193 19.31 -4.78 33.72
CA VAL A 193 18.20 -3.85 33.91
C VAL A 193 18.15 -2.87 32.75
N TYR A 194 16.97 -2.72 32.15
CA TYR A 194 16.76 -1.82 31.02
C TYR A 194 15.54 -0.95 31.29
N ALA A 195 15.71 0.37 31.22
CA ALA A 195 14.63 1.29 31.52
C ALA A 195 14.59 2.40 30.49
N CYS A 196 13.38 2.91 30.23
CA CYS A 196 13.20 4.14 29.47
C CYS A 196 12.44 5.14 30.33
N GLU A 197 12.95 6.36 30.39
CA GLU A 197 12.37 7.45 31.15
C GLU A 197 11.75 8.46 30.19
N VAL A 198 10.50 8.80 30.42
CA VAL A 198 9.74 9.74 29.59
C VAL A 198 9.48 10.99 30.41
N THR A 199 9.84 12.14 29.85
CA THR A 199 9.48 13.44 30.38
C THR A 199 8.56 14.13 29.39
N HIS A 200 7.46 14.69 29.88
CA HIS A 200 6.45 15.31 29.05
C HIS A 200 5.76 16.39 29.87
N GLN A 201 5.13 17.34 29.17
CA GLN A 201 4.43 18.43 29.86
C GLN A 201 3.29 17.90 30.72
N GLY A 202 2.60 16.86 30.24
CA GLY A 202 1.48 16.28 30.97
C GLY A 202 1.87 15.40 32.13
N LEU A 203 3.14 15.06 32.27
CA LEU A 203 3.62 14.22 33.37
C LEU A 203 4.21 15.11 34.45
N SER A 204 3.64 15.04 35.66
CA SER A 204 4.14 15.85 36.77
C SER A 204 5.57 15.47 37.14
N SER A 205 5.93 14.21 36.98
CA SER A 205 7.28 13.72 37.25
C SER A 205 7.67 12.76 36.14
N PRO A 206 8.95 12.69 35.78
CA PRO A 206 9.37 11.77 34.72
C PRO A 206 9.00 10.32 35.06
N VAL A 207 8.35 9.66 34.11
CA VAL A 207 7.82 8.31 34.31
C VAL A 207 8.81 7.32 33.71
N THR A 208 9.28 6.38 34.51
CA THR A 208 10.27 5.40 34.08
C THR A 208 9.64 4.01 34.03
N LYS A 209 9.78 3.34 32.90
CA LYS A 209 9.34 1.96 32.74
C LYS A 209 10.56 1.08 32.53
N SER A 210 10.70 0.04 33.35
CA SER A 210 11.89 -0.78 33.37
C SER A 210 11.52 -2.26 33.33
N PHE A 211 12.51 -3.08 32.98
CA PHE A 211 12.39 -4.53 33.08
C PHE A 211 13.78 -5.14 33.25
N ASN A 212 13.81 -6.28 33.92
CA ASN A 212 15.04 -7.04 34.15
C ASN A 212 15.17 -8.15 33.13
N ARG A 213 16.39 -8.33 32.62
CA ARG A 213 16.64 -9.36 31.62
C ARG A 213 16.36 -10.75 32.19
N GLY A 214 15.51 -11.50 31.50
CA GLY A 214 15.10 -12.81 31.97
C GLY A 214 13.81 -12.83 32.76
N GLU A 215 13.15 -11.69 32.92
CA GLU A 215 11.90 -11.62 33.66
C GLU A 215 10.80 -12.45 33.02
N VAL B 2 2.39 24.89 -18.71
CA VAL B 2 3.75 24.51 -18.33
C VAL B 2 3.73 23.21 -17.52
N GLN B 3 4.54 22.24 -17.95
CA GLN B 3 4.62 20.96 -17.27
C GLN B 3 6.08 20.56 -17.09
N LEU B 4 6.37 19.96 -15.95
CA LEU B 4 7.71 19.45 -15.63
C LEU B 4 7.64 17.94 -15.43
N GLN B 5 8.41 17.20 -16.22
CA GLN B 5 8.56 15.77 -16.04
C GLN B 5 9.94 15.48 -15.47
N GLN B 6 10.00 14.49 -14.59
CA GLN B 6 11.22 14.16 -13.87
C GLN B 6 11.50 12.68 -14.01
N TRP B 7 12.77 12.32 -14.18
CA TRP B 7 13.13 10.90 -14.14
C TRP B 7 14.59 10.74 -13.76
N GLY B 8 14.98 9.50 -13.57
CA GLY B 8 16.31 9.14 -13.10
C GLY B 8 16.22 8.02 -12.08
N ALA B 9 17.33 7.30 -11.92
CA ALA B 9 17.37 6.18 -11.00
C ALA B 9 17.14 6.65 -9.57
N GLY B 10 16.28 5.93 -8.84
CA GLY B 10 15.90 6.33 -7.51
C GLY B 10 16.40 5.43 -6.39
N LEU B 11 17.18 4.41 -6.75
CA LEU B 11 17.79 3.50 -5.77
C LEU B 11 19.26 3.33 -6.11
N LEU B 12 20.13 3.89 -5.27
CA LEU B 12 21.56 3.91 -5.53
C LEU B 12 22.31 3.44 -4.29
N LYS B 13 23.57 3.09 -4.49
CA LYS B 13 24.49 2.65 -3.45
C LYS B 13 25.44 3.78 -3.08
N PRO B 14 26.03 3.75 -1.89
CA PRO B 14 27.00 4.78 -1.53
C PRO B 14 28.21 4.77 -2.45
N SER B 15 28.89 5.92 -2.51
CA SER B 15 30.04 6.12 -3.39
C SER B 15 29.66 5.91 -4.85
N GLU B 16 28.47 6.35 -5.22
CA GLU B 16 27.98 6.28 -6.59
C GLU B 16 27.47 7.66 -7.00
N THR B 17 27.08 7.79 -8.27
CA THR B 17 26.69 9.06 -8.85
C THR B 17 25.19 9.10 -9.08
N LEU B 18 24.53 10.10 -8.53
CA LEU B 18 23.11 10.36 -8.76
C LEU B 18 22.95 11.23 -10.00
N SER B 19 22.13 10.79 -10.94
CA SER B 19 21.86 11.50 -12.18
C SER B 19 20.37 11.63 -12.37
N LEU B 20 19.84 12.85 -12.35
CA LEU B 20 18.43 13.11 -12.54
C LEU B 20 18.22 14.05 -13.73
N THR B 21 17.05 13.94 -14.35
CA THR B 21 16.71 14.72 -15.54
C THR B 21 15.33 15.35 -15.36
N CYS B 22 15.22 16.63 -15.74
CA CYS B 22 13.96 17.36 -15.70
C CYS B 22 13.71 17.96 -17.08
N ALA B 23 12.57 17.63 -17.67
CA ALA B 23 12.18 18.11 -18.98
C ALA B 23 10.94 19.01 -18.84
N VAL B 24 10.98 20.17 -19.48
CA VAL B 24 9.90 21.16 -19.39
C VAL B 24 9.20 21.27 -20.73
N TYR B 25 7.86 21.30 -20.68
CA TYR B 25 7.03 21.53 -21.85
C TYR B 25 6.11 22.71 -21.61
N GLY B 26 5.74 23.39 -22.68
CA GLY B 26 4.75 24.45 -22.58
C GLY B 26 5.21 25.83 -22.98
N GLU B 27 6.29 26.32 -22.37
CA GLU B 27 6.72 27.70 -22.62
C GLU B 27 8.18 27.76 -23.05
N SER B 28 8.74 28.97 -23.08
CA SER B 28 10.11 29.17 -23.52
C SER B 28 11.08 28.71 -22.43
N PHE B 29 11.92 27.74 -22.78
CA PHE B 29 12.89 27.21 -21.81
C PHE B 29 13.91 28.27 -21.44
N SER B 30 14.33 29.08 -22.41
CA SER B 30 15.21 30.21 -22.12
C SER B 30 14.43 31.27 -21.34
N ALA B 31 15.12 32.36 -20.99
CA ALA B 31 14.53 33.45 -20.22
C ALA B 31 13.95 32.97 -18.89
N PHE B 32 14.51 31.88 -18.36
CA PHE B 32 14.07 31.32 -17.10
C PHE B 32 15.22 30.63 -16.40
N SER B 33 15.33 30.84 -15.09
CA SER B 33 16.22 30.03 -14.28
C SER B 33 15.52 28.73 -13.93
N TRP B 34 16.32 27.68 -13.78
CA TRP B 34 15.81 26.35 -13.49
C TRP B 34 16.60 25.77 -12.33
N SER B 35 15.90 25.38 -11.28
CA SER B 35 16.56 25.01 -10.03
C SER B 35 16.23 23.58 -9.65
N TRP B 36 17.18 22.95 -8.97
CA TRP B 36 17.00 21.68 -8.29
C TRP B 36 16.98 21.94 -6.79
N ILE B 37 15.98 21.34 -6.12
CA ILE B 37 15.75 21.45 -4.69
C ILE B 37 15.55 20.03 -4.18
N ARG B 38 15.88 19.80 -2.91
CA ARG B 38 15.66 18.48 -2.32
C ARG B 38 15.08 18.62 -0.92
N GLN B 39 14.40 17.54 -0.49
CA GLN B 39 13.79 17.48 0.82
C GLN B 39 14.01 16.09 1.43
N PRO B 40 14.82 15.97 2.47
CA PRO B 40 14.96 14.69 3.15
C PRO B 40 13.65 14.27 3.79
N PRO B 41 13.45 12.96 4.02
CA PRO B 41 12.17 12.50 4.56
C PRO B 41 11.86 13.05 5.94
N GLY B 42 10.81 13.88 6.04
CA GLY B 42 10.43 14.47 7.29
C GLY B 42 11.23 15.68 7.70
N LYS B 43 11.96 16.31 6.78
CA LYS B 43 12.79 17.46 7.07
C LYS B 43 12.37 18.63 6.20
N GLY B 44 13.16 19.71 6.24
CA GLY B 44 12.82 20.91 5.52
C GLY B 44 13.44 20.97 4.13
N LEU B 45 12.93 21.90 3.33
CA LEU B 45 13.41 22.08 1.97
C LEU B 45 14.83 22.63 1.96
N GLU B 46 15.62 22.18 1.00
CA GLU B 46 17.00 22.63 0.83
C GLU B 46 17.25 22.90 -0.65
N TRP B 47 17.63 24.14 -0.98
CA TRP B 47 17.94 24.49 -2.35
C TRP B 47 19.28 23.89 -2.75
N ILE B 48 19.31 23.21 -3.90
CA ILE B 48 20.52 22.55 -4.35
C ILE B 48 21.25 23.47 -5.32
N GLY B 49 20.57 23.89 -6.39
CA GLY B 49 21.27 24.71 -7.36
C GLY B 49 20.35 25.24 -8.44
N GLU B 50 20.93 26.02 -9.34
CA GLU B 50 20.20 26.64 -10.42
C GLU B 50 21.10 26.79 -11.64
N VAL B 51 20.47 26.81 -12.82
CA VAL B 51 21.14 26.98 -14.10
C VAL B 51 20.26 27.83 -15.00
N ASP B 52 20.85 28.42 -16.03
CA ASP B 52 20.14 29.17 -17.04
C ASP B 52 20.46 28.61 -18.43
N HIS B 53 19.94 29.29 -19.47
CA HIS B 53 20.10 28.78 -20.82
C HIS B 53 21.54 28.89 -21.32
N SER B 54 22.31 29.86 -20.82
CA SER B 54 23.69 30.01 -21.23
C SER B 54 24.61 28.97 -20.61
N GLY B 55 24.11 28.17 -19.68
CA GLY B 55 24.92 27.22 -18.95
C GLY B 55 25.54 27.72 -17.67
N SER B 56 25.37 29.00 -17.35
CA SER B 56 25.89 29.53 -16.10
C SER B 56 25.14 28.91 -14.92
N THR B 57 25.87 28.47 -13.91
CA THR B 57 25.30 27.74 -12.79
C THR B 57 25.57 28.48 -11.49
N ASN B 58 24.76 28.15 -10.48
CA ASN B 58 24.98 28.57 -9.11
C ASN B 58 24.58 27.43 -8.19
N TYR B 59 25.40 27.16 -7.18
CA TYR B 59 25.19 26.00 -6.33
C TYR B 59 25.09 26.42 -4.86
N ASN B 60 24.46 25.55 -4.09
CA ASN B 60 24.46 25.71 -2.64
C ASN B 60 25.87 25.45 -2.12
N PRO B 61 26.41 26.33 -1.26
CA PRO B 61 27.77 26.11 -0.77
C PRO B 61 27.94 24.80 0.00
N SER B 62 26.86 24.24 0.54
CA SER B 62 26.96 22.97 1.25
C SER B 62 27.23 21.81 0.29
N LEU B 63 26.75 21.92 -0.95
CA LEU B 63 26.86 20.85 -1.94
C LEU B 63 27.77 21.21 -3.10
N LYS B 64 28.52 22.31 -2.99
CA LYS B 64 29.31 22.79 -4.12
C LYS B 64 30.33 21.77 -4.59
N SER B 65 30.88 20.98 -3.68
CA SER B 65 31.97 20.07 -4.05
C SER B 65 31.48 18.87 -4.85
N ARG B 66 30.21 18.49 -4.70
CA ARG B 66 29.72 17.26 -5.30
C ARG B 66 28.64 17.46 -6.36
N VAL B 67 28.07 18.66 -6.48
CA VAL B 67 26.92 18.89 -7.35
C VAL B 67 27.37 19.49 -8.67
N THR B 68 26.75 19.05 -9.76
CA THR B 68 26.97 19.60 -11.08
C THR B 68 25.62 19.64 -11.79
N ILE B 69 25.19 20.83 -12.18
CA ILE B 69 23.92 21.02 -12.88
C ILE B 69 24.22 21.43 -14.32
N SER B 70 23.69 20.66 -15.26
CA SER B 70 23.91 20.89 -16.68
C SER B 70 22.58 21.18 -17.37
N VAL B 71 22.68 21.64 -18.62
CA VAL B 71 21.51 22.10 -19.37
C VAL B 71 21.62 21.59 -20.80
N ASP B 72 20.46 21.44 -21.44
CA ASP B 72 20.40 21.06 -22.85
C ASP B 72 19.19 21.77 -23.45
N THR B 73 19.45 22.85 -24.21
CA THR B 73 18.38 23.61 -24.84
C THR B 73 17.87 22.93 -26.10
N SER B 74 18.62 22.00 -26.67
CA SER B 74 18.13 21.25 -27.82
C SER B 74 16.94 20.38 -27.45
N LYS B 75 16.87 19.93 -26.19
CA LYS B 75 15.78 19.09 -25.73
C LYS B 75 14.92 19.76 -24.65
N ASN B 76 15.22 21.00 -24.28
CA ASN B 76 14.53 21.69 -23.18
C ASN B 76 14.57 20.85 -21.91
N GLN B 77 15.79 20.49 -21.51
CA GLN B 77 16.00 19.67 -20.33
C GLN B 77 17.15 20.23 -19.51
N PHE B 78 17.17 19.87 -18.23
CA PHE B 78 18.33 20.16 -17.40
C PHE B 78 18.52 19.02 -16.41
N PHE B 79 19.79 18.77 -16.09
CA PHE B 79 20.22 17.56 -15.42
C PHE B 79 20.97 17.89 -14.13
N LEU B 80 20.82 17.00 -13.16
CA LEU B 80 21.51 17.10 -11.87
C LEU B 80 22.42 15.90 -11.70
N LYS B 81 23.63 16.14 -11.19
CA LYS B 81 24.61 15.10 -10.94
C LYS B 81 25.22 15.32 -9.56
N LEU B 82 25.19 14.28 -8.74
CA LEU B 82 25.70 14.35 -7.36
C LEU B 82 26.62 13.16 -7.14
N VAL B 83 27.91 13.42 -6.96
CA VAL B 83 28.91 12.38 -6.81
C VAL B 83 29.18 12.14 -5.33
N SER B 84 29.67 10.94 -5.02
CA SER B 84 30.02 10.52 -3.66
C SER B 84 28.82 10.64 -2.73
N LEU B 85 27.86 9.74 -2.95
CA LEU B 85 26.61 9.76 -2.20
C LEU B 85 26.79 9.11 -0.83
N THR B 86 25.96 9.57 0.12
CA THR B 86 25.92 9.04 1.46
C THR B 86 24.45 8.97 1.89
N ALA B 87 24.21 8.26 2.99
CA ALA B 87 22.84 8.13 3.50
C ALA B 87 22.17 9.47 3.73
N ALA B 88 22.94 10.54 3.93
CA ALA B 88 22.38 11.87 4.11
C ALA B 88 21.79 12.44 2.83
N ASP B 89 22.00 11.79 1.68
CA ASP B 89 21.49 12.28 0.41
C ASP B 89 20.16 11.66 0.02
N THR B 90 19.62 10.76 0.85
CA THR B 90 18.29 10.21 0.61
C THR B 90 17.25 11.30 0.76
N ALA B 91 16.51 11.59 -0.30
CA ALA B 91 15.58 12.71 -0.28
C ALA B 91 14.69 12.67 -1.51
N VAL B 92 13.64 13.49 -1.49
CA VAL B 92 12.81 13.73 -2.66
C VAL B 92 13.37 14.94 -3.38
N TYR B 93 13.68 14.78 -4.67
CA TYR B 93 14.30 15.83 -5.47
C TYR B 93 13.26 16.42 -6.40
N TYR B 94 13.06 17.72 -6.30
CA TYR B 94 12.17 18.46 -7.18
C TYR B 94 12.98 19.36 -8.09
N CYS B 95 12.51 19.52 -9.32
CA CYS B 95 12.95 20.63 -10.16
C CYS B 95 11.87 21.69 -10.19
N ALA B 96 12.28 22.93 -10.45
CA ALA B 96 11.33 24.03 -10.43
C ALA B 96 11.81 25.14 -11.35
N ARG B 97 10.84 25.92 -11.84
CA ARG B 97 11.15 27.10 -12.63
C ARG B 97 11.46 28.28 -11.70
N GLY B 98 12.56 28.96 -11.98
CA GLY B 98 12.96 30.10 -11.18
C GLY B 98 12.43 31.42 -11.69
N GLY B 99 13.31 32.42 -11.76
CA GLY B 99 12.91 33.76 -12.18
C GLY B 99 12.99 33.96 -13.68
N ARG B 100 12.37 35.05 -14.11
CA ARG B 100 12.34 35.42 -15.53
C ARG B 100 13.52 36.31 -15.84
N LYS B 101 14.08 36.14 -17.03
CA LYS B 101 15.12 37.04 -17.51
C LYS B 101 14.46 38.32 -18.00
N VAL B 102 14.96 39.45 -17.53
CA VAL B 102 14.43 40.76 -17.89
C VAL B 102 15.52 41.54 -18.62
N TYR B 103 15.18 42.10 -19.78
CA TYR B 103 16.13 42.84 -20.60
C TYR B 103 15.78 44.31 -20.62
N HIS B 104 16.74 45.14 -20.24
CA HIS B 104 16.73 46.58 -20.41
C HIS B 104 18.05 46.99 -21.06
N PRO B 105 18.06 48.08 -21.83
CA PRO B 105 19.32 48.50 -22.47
C PRO B 105 20.43 48.78 -21.48
N TYR B 106 20.10 49.13 -20.23
CA TYR B 106 21.09 49.45 -19.23
C TYR B 106 21.34 48.33 -18.23
N TRP B 107 20.51 47.29 -18.20
CA TRP B 107 20.66 46.24 -17.20
C TRP B 107 19.93 44.98 -17.65
N THR B 108 20.53 43.83 -17.36
CA THR B 108 19.92 42.54 -17.65
C THR B 108 20.20 41.58 -16.50
N GLY B 109 19.19 40.80 -16.14
CA GLY B 109 19.33 39.85 -15.05
C GLY B 109 18.03 39.11 -14.84
N TYR B 110 18.06 38.19 -13.87
CA TYR B 110 16.89 37.40 -13.52
C TYR B 110 16.21 38.00 -12.30
N VAL B 111 14.88 38.08 -12.35
CA VAL B 111 14.09 38.69 -11.28
C VAL B 111 13.01 37.70 -10.85
N ASN B 112 12.55 37.88 -9.61
CA ASN B 112 11.50 37.04 -9.02
C ASN B 112 11.93 35.56 -9.02
N ASN B 113 13.07 35.29 -8.37
CA ASN B 113 13.63 33.95 -8.37
C ASN B 113 12.93 33.05 -7.34
N CYS B 114 11.61 32.98 -7.41
CA CYS B 114 10.84 32.02 -6.63
C CYS B 114 10.42 30.86 -7.52
N PHE B 115 10.08 29.74 -6.89
CA PHE B 115 9.96 28.46 -7.58
C PHE B 115 8.50 28.10 -7.79
N ASP B 116 8.09 28.06 -9.06
CA ASP B 116 6.75 27.65 -9.50
C ASP B 116 6.73 27.58 -11.02
N PRO B 117 6.23 26.49 -11.62
CA PRO B 117 5.73 25.30 -10.91
C PRO B 117 6.83 24.36 -10.46
N TRP B 118 6.44 23.22 -9.89
CA TRP B 118 7.37 22.21 -9.39
C TRP B 118 7.17 20.90 -10.12
N GLY B 119 8.24 20.11 -10.16
CA GLY B 119 8.12 18.74 -10.64
C GLY B 119 7.40 17.86 -9.64
N GLN B 120 7.05 16.65 -10.09
CA GLN B 120 6.37 15.70 -9.22
C GLN B 120 7.28 15.27 -8.07
N GLY B 121 8.58 15.25 -8.29
CA GLY B 121 9.52 14.84 -7.26
C GLY B 121 9.94 13.39 -7.41
N THR B 122 11.24 13.15 -7.42
CA THR B 122 11.81 11.81 -7.52
C THR B 122 12.42 11.44 -6.18
N LEU B 123 11.93 10.35 -5.59
CA LEU B 123 12.52 9.85 -4.35
C LEU B 123 13.82 9.13 -4.67
N VAL B 124 14.86 9.43 -3.90
CA VAL B 124 16.17 8.79 -4.06
C VAL B 124 16.60 8.25 -2.71
N THR B 125 16.94 6.97 -2.69
CA THR B 125 17.40 6.27 -1.49
C THR B 125 18.81 5.77 -1.72
N VAL B 126 19.71 6.10 -0.80
CA VAL B 126 21.11 5.70 -0.89
C VAL B 126 21.36 4.67 0.20
N SER B 127 21.65 3.44 -0.20
CA SER B 127 21.93 2.36 0.73
C SER B 127 22.54 1.20 -0.04
N SER B 128 23.42 0.46 0.63
CA SER B 128 24.09 -0.69 0.04
C SER B 128 23.30 -1.98 0.16
N ALA B 129 22.13 -1.94 0.79
CA ALA B 129 21.34 -3.15 1.01
C ALA B 129 20.62 -3.59 -0.26
N SER B 130 20.41 -4.89 -0.36
CA SER B 130 19.67 -5.52 -1.45
C SER B 130 18.32 -6.00 -0.92
N THR B 131 17.46 -6.43 -1.85
CA THR B 131 16.10 -6.80 -1.49
C THR B 131 16.09 -7.95 -0.48
N LYS B 132 15.56 -7.68 0.71
CA LYS B 132 15.49 -8.67 1.78
C LYS B 132 14.07 -8.69 2.36
N GLY B 133 13.65 -9.87 2.78
CA GLY B 133 12.37 -10.05 3.44
C GLY B 133 12.42 -9.66 4.90
N PRO B 134 11.30 -9.18 5.42
CA PRO B 134 11.27 -8.72 6.82
C PRO B 134 11.12 -9.86 7.81
N SER B 135 11.67 -9.63 9.00
CA SER B 135 11.49 -10.51 10.15
C SER B 135 10.49 -9.87 11.11
N VAL B 136 9.45 -10.62 11.47
CA VAL B 136 8.36 -10.10 12.29
C VAL B 136 8.45 -10.75 13.67
N PHE B 137 8.64 -9.92 14.69
CA PHE B 137 8.75 -10.37 16.06
C PHE B 137 7.61 -9.81 16.91
N PRO B 138 7.05 -10.60 17.82
CA PRO B 138 5.92 -10.11 18.62
C PRO B 138 6.38 -9.24 19.77
N LEU B 139 5.72 -8.09 19.94
CA LEU B 139 5.88 -7.26 21.14
C LEU B 139 4.71 -7.60 22.05
N ALA B 140 4.97 -8.50 23.00
CA ALA B 140 3.99 -9.11 23.88
C ALA B 140 3.54 -8.14 24.98
N PRO B 141 2.27 -8.20 25.39
CA PRO B 141 1.73 -7.33 26.43
C PRO B 141 2.34 -7.61 27.81
N THR B 150 -6.13 -0.99 30.18
CA THR B 150 -5.70 -0.98 28.78
C THR B 150 -4.31 -1.59 28.65
N ALA B 151 -4.13 -2.42 27.62
CA ALA B 151 -2.85 -3.08 27.37
C ALA B 151 -2.42 -2.83 25.93
N ALA B 152 -1.13 -2.57 25.74
CA ALA B 152 -0.57 -2.33 24.43
C ALA B 152 0.19 -3.57 23.95
N LEU B 153 0.04 -3.87 22.66
CA LEU B 153 0.75 -5.01 22.07
C LEU B 153 1.01 -4.71 20.61
N GLY B 154 2.05 -5.34 20.06
CA GLY B 154 2.37 -5.01 18.69
C GLY B 154 3.26 -6.02 17.99
N CYS B 155 3.80 -5.60 16.86
CA CYS B 155 4.71 -6.39 16.04
C CYS B 155 5.84 -5.50 15.53
N LEU B 156 7.07 -5.98 15.66
CA LEU B 156 8.26 -5.31 15.16
C LEU B 156 8.69 -5.97 13.85
N VAL B 157 8.71 -5.18 12.78
CA VAL B 157 9.07 -5.64 11.45
C VAL B 157 10.45 -5.09 11.14
N LYS B 158 11.48 -5.94 11.20
CA LYS B 158 12.86 -5.49 11.11
C LYS B 158 13.55 -6.12 9.90
N ASP B 159 14.54 -5.38 9.37
CA ASP B 159 15.46 -5.91 8.36
C ASP B 159 14.72 -6.26 7.06
N TYR B 160 14.15 -5.23 6.43
CA TYR B 160 13.53 -5.38 5.12
C TYR B 160 13.95 -4.24 4.21
N PHE B 161 13.81 -4.48 2.91
CA PHE B 161 14.19 -3.53 1.88
C PHE B 161 13.64 -3.99 0.54
N PRO B 162 13.05 -3.09 -0.26
CA PRO B 162 12.80 -1.69 0.07
C PRO B 162 11.40 -1.46 0.61
N GLU B 163 11.04 -0.19 0.81
CA GLU B 163 9.68 0.15 1.21
C GLU B 163 8.71 -0.11 0.06
N PRO B 164 7.42 -0.30 0.36
CA PRO B 164 6.80 -0.31 1.69
C PRO B 164 6.41 -1.70 2.20
N VAL B 165 5.78 -1.71 3.37
CA VAL B 165 5.23 -2.91 3.98
C VAL B 165 3.84 -2.59 4.48
N THR B 166 2.88 -3.48 4.23
CA THR B 166 1.51 -3.28 4.69
C THR B 166 1.26 -4.13 5.93
N VAL B 167 0.74 -3.49 6.98
CA VAL B 167 0.48 -4.15 8.25
C VAL B 167 -0.99 -3.98 8.58
N SER B 168 -1.67 -5.09 8.85
CA SER B 168 -3.05 -5.09 9.30
C SER B 168 -3.14 -5.90 10.58
N TRP B 169 -4.29 -5.81 11.26
CA TRP B 169 -4.51 -6.54 12.50
C TRP B 169 -5.79 -7.36 12.40
N ASN B 170 -5.67 -8.66 12.67
CA ASN B 170 -6.79 -9.59 12.66
C ASN B 170 -7.53 -9.56 11.31
N SER B 171 -6.74 -9.59 10.23
CA SER B 171 -7.26 -9.59 8.86
C SER B 171 -8.15 -8.36 8.61
N GLY B 172 -7.78 -7.23 9.21
CA GLY B 172 -8.50 -6.00 9.01
C GLY B 172 -9.65 -5.76 9.96
N ALA B 173 -9.91 -6.68 10.88
CA ALA B 173 -11.01 -6.48 11.83
C ALA B 173 -10.69 -5.39 12.83
N LEU B 174 -9.50 -5.44 13.43
CA LEU B 174 -9.09 -4.49 14.46
C LEU B 174 -8.41 -3.30 13.78
N THR B 175 -9.08 -2.14 13.80
CA THR B 175 -8.54 -0.95 13.18
C THR B 175 -8.51 0.27 14.10
N SER B 176 -9.33 0.33 15.14
CA SER B 176 -9.32 1.45 16.06
C SER B 176 -8.23 1.26 17.12
N GLY B 177 -7.49 2.33 17.39
CA GLY B 177 -6.37 2.26 18.29
C GLY B 177 -5.10 1.67 17.71
N VAL B 178 -5.05 1.45 16.40
CA VAL B 178 -3.87 0.91 15.75
C VAL B 178 -2.98 2.06 15.32
N HIS B 179 -1.68 1.94 15.61
CA HIS B 179 -0.69 2.95 15.24
C HIS B 179 0.46 2.26 14.53
N THR B 180 0.63 2.55 13.24
CA THR B 180 1.76 2.09 12.45
C THR B 180 2.67 3.30 12.19
N PHE B 181 3.86 3.26 12.77
CA PHE B 181 4.79 4.38 12.69
C PHE B 181 5.42 4.42 11.30
N PRO B 182 6.08 5.52 10.95
CA PRO B 182 6.90 5.53 9.73
C PRO B 182 8.15 4.67 9.90
N ALA B 183 8.61 4.11 8.79
CA ALA B 183 9.79 3.26 8.81
C ALA B 183 11.05 4.10 8.96
N VAL B 184 12.04 3.54 9.66
CA VAL B 184 13.33 4.18 9.87
C VAL B 184 14.39 3.42 9.09
N LEU B 185 15.23 4.15 8.35
CA LEU B 185 16.35 3.55 7.63
C LEU B 185 17.52 3.40 8.60
N GLN B 186 17.89 2.15 8.87
CA GLN B 186 18.98 1.88 9.80
C GLN B 186 20.33 2.09 9.12
N SER B 187 21.39 2.06 9.94
CA SER B 187 22.74 2.19 9.42
C SER B 187 23.15 1.00 8.56
N SER B 188 22.49 -0.15 8.73
CA SER B 188 22.79 -1.33 7.94
C SER B 188 22.26 -1.22 6.51
N GLY B 189 21.42 -0.23 6.23
CA GLY B 189 20.83 -0.06 4.91
C GLY B 189 19.42 -0.61 4.77
N LEU B 190 18.88 -1.24 5.81
CA LEU B 190 17.54 -1.79 5.78
C LEU B 190 16.63 -1.00 6.72
N TYR B 191 15.34 -1.34 6.65
CA TYR B 191 14.30 -0.61 7.39
C TYR B 191 13.80 -1.42 8.57
N SER B 192 13.31 -0.70 9.58
CA SER B 192 12.67 -1.27 10.75
C SER B 192 11.40 -0.47 11.03
N LEU B 193 10.40 -1.17 11.57
CA LEU B 193 9.10 -0.58 11.79
C LEU B 193 8.43 -1.26 12.98
N SER B 194 7.43 -0.59 13.55
CA SER B 194 6.65 -1.13 14.64
C SER B 194 5.18 -0.80 14.42
N SER B 195 4.32 -1.77 14.68
CA SER B 195 2.88 -1.58 14.63
C SER B 195 2.32 -1.94 16.00
N VAL B 196 1.60 -1.02 16.62
CA VAL B 196 1.09 -1.23 17.97
C VAL B 196 -0.42 -1.05 17.97
N VAL B 197 -1.04 -1.55 19.04
CA VAL B 197 -2.48 -1.41 19.23
C VAL B 197 -2.77 -1.54 20.72
N THR B 198 -3.68 -0.71 21.20
CA THR B 198 -4.16 -0.75 22.57
C THR B 198 -5.52 -1.44 22.61
N VAL B 199 -5.68 -2.35 23.58
CA VAL B 199 -6.90 -3.14 23.70
C VAL B 199 -7.34 -3.17 25.15
N PRO B 200 -8.59 -3.53 25.40
CA PRO B 200 -9.03 -3.75 26.78
C PRO B 200 -8.27 -4.90 27.42
N SER B 201 -7.97 -4.75 28.71
CA SER B 201 -7.17 -5.75 29.41
C SER B 201 -7.89 -7.09 29.49
N SER B 202 -9.22 -7.09 29.56
CA SER B 202 -9.97 -8.33 29.71
C SER B 202 -10.08 -9.14 28.44
N SER B 203 -9.74 -8.57 27.28
CA SER B 203 -9.76 -9.32 26.02
C SER B 203 -8.48 -10.09 25.77
N LEU B 204 -7.45 -9.90 26.60
CA LEU B 204 -6.16 -10.55 26.37
C LEU B 204 -6.24 -12.05 26.59
N GLY B 205 -7.18 -12.51 27.41
CA GLY B 205 -7.29 -13.93 27.71
C GLY B 205 -8.21 -14.68 26.75
N THR B 206 -9.15 -13.97 26.13
CA THR B 206 -10.14 -14.58 25.28
C THR B 206 -9.91 -14.31 23.79
N GLN B 207 -9.69 -13.06 23.42
CA GLN B 207 -9.55 -12.70 22.01
C GLN B 207 -8.11 -12.90 21.54
N THR B 208 -7.96 -13.31 20.30
CA THR B 208 -6.67 -13.57 19.69
C THR B 208 -6.23 -12.39 18.83
N TYR B 209 -4.94 -12.10 18.84
CA TYR B 209 -4.38 -10.96 18.10
C TYR B 209 -3.28 -11.45 17.17
N ILE B 210 -3.47 -11.18 15.87
CA ILE B 210 -2.53 -11.57 14.83
C ILE B 210 -2.27 -10.37 13.94
N CYS B 211 -1.00 -10.04 13.75
CA CYS B 211 -0.60 -8.98 12.84
C CYS B 211 -0.27 -9.59 11.47
N ASN B 212 -0.94 -9.11 10.44
CA ASN B 212 -0.75 -9.58 9.07
C ASN B 212 0.22 -8.61 8.40
N VAL B 213 1.43 -9.10 8.14
CA VAL B 213 2.51 -8.30 7.58
C VAL B 213 2.80 -8.82 6.17
N ASN B 214 2.64 -7.95 5.18
CA ASN B 214 2.85 -8.30 3.78
C ASN B 214 3.88 -7.35 3.18
N HIS B 215 4.95 -7.92 2.63
CA HIS B 215 6.02 -7.19 1.95
C HIS B 215 6.12 -7.76 0.54
N LYS B 216 5.45 -7.11 -0.40
CA LYS B 216 5.31 -7.58 -1.77
C LYS B 216 6.61 -7.63 -2.56
N PRO B 217 7.56 -6.70 -2.37
CA PRO B 217 8.86 -6.86 -3.04
C PRO B 217 9.53 -8.20 -2.80
N SER B 218 9.33 -8.81 -1.64
CA SER B 218 9.85 -10.15 -1.36
C SER B 218 8.78 -11.23 -1.32
N ASN B 219 7.51 -10.87 -1.41
CA ASN B 219 6.39 -11.82 -1.39
C ASN B 219 6.42 -12.70 -0.15
N THR B 220 6.50 -12.05 1.01
CA THR B 220 6.52 -12.78 2.28
C THR B 220 5.22 -12.54 3.06
N ASP B 223 1.44 -13.65 8.77
CA ASP B 223 0.55 -13.58 9.93
C ASP B 223 1.26 -14.06 11.19
N LYS B 224 1.58 -13.12 12.08
CA LYS B 224 2.29 -13.41 13.31
C LYS B 224 1.34 -13.22 14.48
N ARG B 225 1.17 -14.27 15.28
CA ARG B 225 0.31 -14.19 16.45
C ARG B 225 1.10 -13.61 17.62
N VAL B 226 0.53 -12.62 18.29
CA VAL B 226 1.18 -12.00 19.45
C VAL B 226 0.52 -12.57 20.71
N GLU B 227 1.34 -13.21 21.54
CA GLU B 227 0.86 -13.87 22.75
C GLU B 227 1.44 -13.20 23.98
N PRO B 228 0.69 -13.19 25.10
CA PRO B 228 1.14 -12.59 26.37
C PRO B 228 2.39 -13.24 26.93
N VAL C 1 -32.78 -31.82 5.49
CA VAL C 1 -31.77 -31.05 4.77
C VAL C 1 -32.44 -30.22 3.70
N HIS C 2 -33.28 -29.28 4.14
CA HIS C 2 -33.94 -28.36 3.23
C HIS C 2 -32.90 -27.51 2.50
N GLU C 3 -32.99 -27.46 1.17
CA GLU C 3 -32.02 -26.72 0.37
C GLU C 3 -32.61 -25.37 -0.02
N ILE C 4 -31.93 -24.29 0.37
CA ILE C 4 -32.41 -22.92 0.21
C ILE C 4 -31.37 -22.13 -0.56
N VAL C 5 -31.79 -21.52 -1.67
CA VAL C 5 -30.92 -20.74 -2.54
C VAL C 5 -31.02 -19.27 -2.17
N LEU C 6 -29.87 -18.65 -1.91
CA LEU C 6 -29.78 -17.24 -1.55
C LEU C 6 -29.22 -16.45 -2.72
N THR C 7 -29.93 -15.40 -3.13
CA THR C 7 -29.48 -14.50 -4.18
C THR C 7 -29.26 -13.12 -3.58
N GLN C 8 -28.09 -12.54 -3.83
CA GLN C 8 -27.74 -11.24 -3.30
C GLN C 8 -27.90 -10.17 -4.37
N SER C 9 -28.34 -8.99 -3.96
CA SER C 9 -28.57 -7.88 -4.87
C SER C 9 -28.13 -6.56 -4.24
N PRO C 10 -27.46 -5.68 -5.01
CA PRO C 10 -27.04 -5.98 -6.39
C PRO C 10 -25.73 -6.75 -6.42
N GLY C 11 -25.27 -7.12 -7.62
CA GLY C 11 -23.98 -7.79 -7.73
C GLY C 11 -22.82 -6.87 -7.42
N THR C 12 -22.90 -5.62 -7.86
CA THR C 12 -21.87 -4.62 -7.61
C THR C 12 -22.53 -3.32 -7.17
N LEU C 13 -22.07 -2.77 -6.05
CA LEU C 13 -22.61 -1.53 -5.50
C LEU C 13 -21.53 -0.45 -5.57
N SER C 14 -21.73 0.52 -6.46
CA SER C 14 -20.76 1.58 -6.68
C SER C 14 -21.21 2.82 -5.91
N LEU C 15 -20.50 3.13 -4.83
CA LEU C 15 -20.86 4.26 -3.97
C LEU C 15 -19.61 5.02 -3.57
N SER C 16 -19.81 6.24 -3.08
CA SER C 16 -18.76 7.11 -2.60
C SER C 16 -18.71 7.10 -1.08
N PRO C 17 -17.57 7.43 -0.48
CA PRO C 17 -17.49 7.48 0.99
C PRO C 17 -18.47 8.48 1.57
N GLY C 18 -19.04 8.15 2.73
CA GLY C 18 -20.03 8.96 3.39
C GLY C 18 -21.46 8.55 3.12
N GLU C 19 -21.72 7.92 1.97
CA GLU C 19 -23.06 7.50 1.62
C GLU C 19 -23.43 6.23 2.39
N ARG C 20 -24.64 5.74 2.15
CA ARG C 20 -25.14 4.53 2.79
C ARG C 20 -25.28 3.42 1.76
N ALA C 21 -25.00 2.19 2.19
CA ALA C 21 -25.06 1.01 1.34
C ALA C 21 -26.19 0.11 1.80
N THR C 22 -26.93 -0.43 0.84
CA THR C 22 -28.07 -1.30 1.12
C THR C 22 -27.91 -2.58 0.32
N LEU C 23 -27.61 -3.68 1.00
CA LEU C 23 -27.44 -4.99 0.38
C LEU C 23 -28.63 -5.86 0.73
N SER C 24 -29.12 -6.61 -0.25
CA SER C 24 -30.31 -7.44 -0.05
C SER C 24 -29.96 -8.90 -0.29
N CYS C 25 -30.56 -9.76 0.52
CA CYS C 25 -30.38 -11.21 0.46
C CYS C 25 -31.78 -11.81 0.37
N ARG C 26 -32.08 -12.43 -0.77
CA ARG C 26 -33.38 -13.03 -1.02
C ARG C 26 -33.25 -14.55 -0.92
N ALA C 27 -34.14 -15.16 -0.14
CA ALA C 27 -34.16 -16.61 0.02
C ALA C 27 -35.31 -17.20 -0.79
N SER C 28 -35.02 -18.31 -1.49
CA SER C 28 -36.05 -18.96 -2.28
C SER C 28 -37.19 -19.46 -1.40
N GLN C 29 -36.87 -19.92 -0.19
CA GLN C 29 -37.87 -20.33 0.79
C GLN C 29 -37.53 -19.72 2.13
N SER C 30 -38.54 -19.64 3.00
CA SER C 30 -38.41 -18.91 4.25
C SER C 30 -37.27 -19.43 5.11
N VAL C 31 -36.50 -18.51 5.67
CA VAL C 31 -35.43 -18.83 6.61
C VAL C 31 -36.01 -18.78 8.01
N SER C 32 -35.90 -19.90 8.73
CA SER C 32 -36.59 -20.03 10.01
C SER C 32 -35.98 -19.11 11.07
N ALA C 33 -36.84 -18.55 11.91
CA ALA C 33 -36.46 -17.75 13.08
C ALA C 33 -35.57 -16.59 12.62
N LYS C 34 -34.40 -16.40 13.20
CA LYS C 34 -33.46 -15.36 12.80
C LYS C 34 -32.13 -15.96 12.39
N ASN C 35 -32.18 -17.08 11.67
CA ASN C 35 -30.99 -17.87 11.34
C ASN C 35 -30.36 -17.37 10.03
N LEU C 36 -29.78 -16.17 10.11
CA LEU C 36 -29.05 -15.61 8.98
C LEU C 36 -27.84 -14.85 9.50
N ALA C 37 -26.77 -14.86 8.69
CA ALA C 37 -25.51 -14.23 9.05
C ALA C 37 -24.96 -13.50 7.85
N TRP C 38 -24.08 -12.54 8.12
CA TRP C 38 -23.36 -11.78 7.11
C TRP C 38 -21.87 -11.84 7.41
N TYR C 39 -21.08 -12.09 6.37
CA TYR C 39 -19.63 -12.17 6.45
C TYR C 39 -19.00 -11.10 5.56
N GLN C 40 -17.86 -10.58 6.00
CA GLN C 40 -17.09 -9.60 5.27
C GLN C 40 -15.75 -10.19 4.85
N GLN C 41 -15.36 -9.95 3.61
CA GLN C 41 -14.09 -10.44 3.07
C GLN C 41 -13.37 -9.30 2.38
N LYS C 42 -12.16 -9.02 2.81
CA LYS C 42 -11.26 -8.07 2.20
C LYS C 42 -10.36 -8.77 1.19
N PRO C 43 -9.77 -8.04 0.24
CA PRO C 43 -9.03 -8.70 -0.84
C PRO C 43 -7.89 -9.59 -0.34
N GLY C 44 -7.96 -10.86 -0.72
CA GLY C 44 -6.92 -11.82 -0.38
C GLY C 44 -6.81 -12.17 1.09
N GLN C 45 -7.93 -12.18 1.81
CA GLN C 45 -7.92 -12.53 3.22
C GLN C 45 -9.13 -13.41 3.53
N ALA C 46 -9.05 -14.11 4.65
CA ALA C 46 -10.14 -14.98 5.06
C ALA C 46 -11.36 -14.16 5.47
N PRO C 47 -12.56 -14.64 5.18
CA PRO C 47 -13.77 -13.95 5.63
C PRO C 47 -13.89 -14.00 7.15
N ARG C 48 -14.48 -12.94 7.70
CA ARG C 48 -14.68 -12.83 9.14
C ARG C 48 -16.17 -12.59 9.40
N LEU C 49 -16.73 -13.32 10.37
CA LEU C 49 -18.14 -13.17 10.72
C LEU C 49 -18.44 -11.74 11.14
N LEU C 50 -19.27 -11.06 10.35
CA LEU C 50 -19.63 -9.68 10.61
C LEU C 50 -20.90 -9.55 11.45
N MET C 51 -21.90 -10.40 11.18
CA MET C 51 -23.18 -10.28 11.86
C MET C 51 -23.84 -11.65 11.89
N TYR C 52 -24.52 -11.96 12.99
CA TYR C 52 -25.29 -13.20 13.07
C TYR C 52 -26.64 -12.88 13.70
N GLY C 53 -27.53 -13.87 13.66
CA GLY C 53 -28.88 -13.66 14.17
C GLY C 53 -29.62 -12.54 13.47
N VAL C 54 -29.39 -12.39 12.17
CA VAL C 54 -30.00 -11.36 11.33
C VAL C 54 -29.46 -9.98 11.68
N SER C 55 -29.49 -9.63 12.98
CA SER C 55 -29.23 -8.25 13.38
C SER C 55 -28.26 -8.11 14.57
N ILE C 56 -27.61 -9.18 14.99
CA ILE C 56 -26.69 -9.14 16.13
C ILE C 56 -25.26 -9.01 15.61
N LYS C 57 -24.61 -7.90 15.96
CA LYS C 57 -23.25 -7.65 15.52
C LYS C 57 -22.25 -8.54 16.25
N ASN C 58 -21.16 -8.86 15.57
CA ASN C 58 -20.07 -9.60 16.19
C ASN C 58 -19.18 -8.64 16.99
N THR C 59 -18.30 -9.22 17.80
CA THR C 59 -17.40 -8.42 18.63
C THR C 59 -16.42 -7.64 17.77
N GLY C 60 -16.36 -6.34 17.99
CA GLY C 60 -15.46 -5.48 17.24
C GLY C 60 -16.04 -4.90 15.96
N VAL C 61 -17.36 -4.96 15.77
CA VAL C 61 -18.02 -4.43 14.59
C VAL C 61 -18.66 -3.09 14.96
N SER C 62 -18.41 -2.08 14.13
CA SER C 62 -18.88 -0.74 14.42
C SER C 62 -20.40 -0.66 14.34
N ASP C 63 -20.94 0.40 14.95
CA ASP C 63 -22.39 0.63 14.94
C ASP C 63 -22.91 1.01 13.56
N ARG C 64 -22.02 1.25 12.60
CA ARG C 64 -22.43 1.65 11.26
C ARG C 64 -23.06 0.51 10.47
N PHE C 65 -23.05 -0.71 11.01
CA PHE C 65 -23.66 -1.86 10.35
C PHE C 65 -24.99 -2.20 11.03
N SER C 66 -26.01 -2.45 10.22
CA SER C 66 -27.33 -2.79 10.72
C SER C 66 -27.90 -3.94 9.91
N GLY C 67 -28.59 -4.85 10.59
CA GLY C 67 -29.21 -5.98 9.93
C GLY C 67 -30.71 -5.97 10.16
N SER C 68 -31.46 -6.40 9.14
CA SER C 68 -32.90 -6.41 9.23
C SER C 68 -33.46 -7.47 8.29
N GLY C 69 -34.76 -7.69 8.40
CA GLY C 69 -35.48 -8.57 7.51
C GLY C 69 -35.94 -9.85 8.20
N SER C 70 -36.72 -10.62 7.45
CA SER C 70 -37.27 -11.88 7.94
C SER C 70 -37.80 -12.65 6.75
N GLY C 71 -38.28 -13.87 7.02
CA GLY C 71 -38.88 -14.73 6.02
C GLY C 71 -37.95 -15.03 4.86
N THR C 72 -38.15 -14.33 3.75
CA THR C 72 -37.34 -14.53 2.56
C THR C 72 -36.54 -13.29 2.17
N ASP C 73 -36.72 -12.16 2.86
CA ASP C 73 -36.08 -10.91 2.47
C ASP C 73 -35.28 -10.37 3.64
N PHE C 74 -33.98 -10.17 3.43
CA PHE C 74 -33.09 -9.69 4.47
C PHE C 74 -32.23 -8.56 3.91
N THR C 75 -31.77 -7.69 4.81
CA THR C 75 -31.10 -6.46 4.41
C THR C 75 -29.93 -6.18 5.34
N LEU C 76 -28.80 -5.77 4.75
CA LEU C 76 -27.65 -5.25 5.48
C LEU C 76 -27.44 -3.81 5.07
N THR C 77 -27.40 -2.91 6.06
CA THR C 77 -27.28 -1.48 5.81
C THR C 77 -25.99 -0.96 6.44
N ILE C 78 -25.22 -0.21 5.65
CA ILE C 78 -24.03 0.48 6.13
C ILE C 78 -24.33 1.98 6.09
N SER C 79 -24.41 2.60 7.27
CA SER C 79 -24.87 3.98 7.36
C SER C 79 -23.90 4.94 6.68
N ARG C 80 -22.66 4.95 7.13
CA ARG C 80 -21.62 5.83 6.59
C ARG C 80 -20.45 4.99 6.12
N LEU C 81 -20.19 5.01 4.81
CA LEU C 81 -19.12 4.20 4.26
C LEU C 81 -17.76 4.76 4.66
N GLU C 82 -16.93 3.90 5.23
CA GLU C 82 -15.55 4.20 5.57
C GLU C 82 -14.62 3.46 4.62
N PRO C 83 -13.37 3.89 4.50
CA PRO C 83 -12.41 3.12 3.66
C PRO C 83 -12.28 1.67 4.09
N GLU C 84 -12.61 1.33 5.34
CA GLU C 84 -12.59 -0.05 5.78
C GLU C 84 -13.73 -0.86 5.17
N ASP C 85 -14.90 -0.22 4.99
CA ASP C 85 -16.12 -0.93 4.64
C ASP C 85 -16.12 -1.46 3.20
N PHE C 86 -15.20 -1.01 2.35
CA PHE C 86 -15.19 -1.43 0.95
C PHE C 86 -14.57 -2.82 0.84
N ALA C 87 -15.40 -3.80 0.50
CA ALA C 87 -15.04 -5.21 0.54
C ALA C 87 -16.19 -6.02 -0.07
N VAL C 88 -16.13 -7.34 0.07
CA VAL C 88 -17.18 -8.24 -0.40
C VAL C 88 -17.98 -8.69 0.81
N TYR C 89 -19.30 -8.76 0.65
CA TYR C 89 -20.20 -9.18 1.72
C TYR C 89 -21.02 -10.38 1.26
N TYR C 90 -21.05 -11.41 2.07
CA TYR C 90 -21.80 -12.63 1.79
C TYR C 90 -22.89 -12.82 2.84
N CYS C 91 -24.07 -13.24 2.41
CA CYS C 91 -25.06 -13.71 3.36
C CYS C 91 -25.06 -15.23 3.42
N GLN C 92 -25.34 -15.75 4.60
CA GLN C 92 -25.36 -17.19 4.85
C GLN C 92 -26.59 -17.54 5.65
N GLN C 93 -27.27 -18.61 5.25
CA GLN C 93 -28.46 -19.08 5.94
C GLN C 93 -28.11 -20.37 6.68
N TYR C 94 -28.54 -20.47 7.94
CA TYR C 94 -28.39 -21.70 8.69
C TYR C 94 -29.72 -22.12 9.31
N GLY C 95 -30.84 -21.74 8.69
CA GLY C 95 -32.12 -22.31 9.06
C GLY C 95 -32.26 -23.74 8.62
N SER C 96 -31.45 -24.16 7.65
CA SER C 96 -31.35 -25.55 7.23
C SER C 96 -29.87 -25.88 7.03
N SER C 97 -29.57 -26.72 6.03
CA SER C 97 -28.18 -26.94 5.66
C SER C 97 -27.56 -25.63 5.18
N PRO C 98 -26.43 -25.21 5.75
CA PRO C 98 -25.90 -23.87 5.44
C PRO C 98 -25.60 -23.69 3.96
N THR C 99 -25.97 -22.51 3.45
CA THR C 99 -25.65 -22.11 2.09
C THR C 99 -25.26 -20.64 2.08
N PHE C 100 -24.40 -20.27 1.14
CA PHE C 100 -23.92 -18.91 0.98
C PHE C 100 -24.52 -18.27 -0.26
N GLY C 101 -24.64 -16.94 -0.22
CA GLY C 101 -24.96 -16.19 -1.42
C GLY C 101 -23.73 -15.99 -2.29
N GLN C 102 -23.97 -15.46 -3.49
CA GLN C 102 -22.87 -15.26 -4.43
C GLN C 102 -21.98 -14.08 -4.07
N GLY C 103 -22.42 -13.23 -3.16
CA GLY C 103 -21.59 -12.14 -2.69
C GLY C 103 -21.91 -10.83 -3.40
N THR C 104 -21.70 -9.73 -2.68
CA THR C 104 -21.87 -8.39 -3.23
C THR C 104 -20.62 -7.58 -2.91
N LYS C 105 -20.02 -6.99 -3.94
CA LYS C 105 -18.82 -6.17 -3.79
C LYS C 105 -19.25 -4.70 -3.69
N VAL C 106 -18.81 -4.03 -2.63
CA VAL C 106 -19.03 -2.59 -2.49
C VAL C 106 -17.75 -1.89 -2.94
N GLU C 107 -17.88 -1.00 -3.92
CA GLU C 107 -16.74 -0.43 -4.61
C GLU C 107 -16.81 1.10 -4.53
N ILE C 108 -15.65 1.73 -4.60
CA ILE C 108 -15.57 3.19 -4.54
C ILE C 108 -16.02 3.78 -5.86
N LYS C 109 -16.89 4.79 -5.79
CA LYS C 109 -17.35 5.49 -6.98
C LYS C 109 -16.51 6.75 -7.18
N ARG C 110 -16.23 7.06 -8.43
CA ARG C 110 -15.50 8.27 -8.79
C ARG C 110 -15.97 8.73 -10.16
N THR C 111 -15.36 9.80 -10.65
CA THR C 111 -15.74 10.33 -11.95
C THR C 111 -15.34 9.36 -13.06
N VAL C 112 -16.14 9.35 -14.12
CA VAL C 112 -15.87 8.47 -15.25
C VAL C 112 -14.53 8.86 -15.87
N ALA C 113 -13.65 7.86 -16.02
CA ALA C 113 -12.33 8.06 -16.58
C ALA C 113 -12.13 7.12 -17.76
N ALA C 114 -11.65 7.67 -18.86
CA ALA C 114 -11.38 6.86 -20.04
C ALA C 114 -10.02 6.18 -19.92
N PRO C 115 -9.89 4.97 -20.44
CA PRO C 115 -8.61 4.27 -20.36
C PRO C 115 -7.61 4.76 -21.40
N SER C 116 -6.33 4.61 -21.07
CA SER C 116 -5.27 4.79 -22.04
C SER C 116 -4.96 3.44 -22.68
N VAL C 117 -5.12 3.34 -23.99
CA VAL C 117 -5.01 2.07 -24.70
C VAL C 117 -3.65 1.99 -25.37
N PHE C 118 -2.96 0.87 -25.16
CA PHE C 118 -1.70 0.59 -25.82
C PHE C 118 -1.72 -0.82 -26.37
N ILE C 119 -0.92 -1.07 -27.39
CA ILE C 119 -0.83 -2.39 -28.01
C ILE C 119 0.63 -2.79 -28.14
N PHE C 120 0.94 -4.03 -27.76
CA PHE C 120 2.30 -4.55 -27.78
C PHE C 120 2.36 -5.77 -28.70
N PRO C 121 3.17 -5.74 -29.74
CA PRO C 121 3.35 -6.92 -30.59
C PRO C 121 4.23 -7.95 -29.90
N PRO C 122 4.24 -9.20 -30.38
CA PRO C 122 5.11 -10.20 -29.75
C PRO C 122 6.57 -9.93 -30.03
N SER C 123 7.40 -10.15 -29.02
CA SER C 123 8.84 -9.95 -29.17
C SER C 123 9.43 -11.05 -30.05
N ASP C 124 10.57 -10.71 -30.67
CA ASP C 124 11.20 -11.64 -31.61
C ASP C 124 11.68 -12.91 -30.91
N GLU C 125 12.09 -12.82 -29.65
CA GLU C 125 12.47 -14.01 -28.90
C GLU C 125 11.29 -14.98 -28.77
N GLN C 126 10.11 -14.45 -28.46
CA GLN C 126 8.93 -15.30 -28.36
C GLN C 126 8.55 -15.86 -29.73
N LEU C 127 8.69 -15.05 -30.78
CA LEU C 127 8.44 -15.54 -32.14
C LEU C 127 9.35 -16.71 -32.47
N LYS C 128 10.64 -16.62 -32.11
CA LYS C 128 11.55 -17.73 -32.29
C LYS C 128 11.17 -18.92 -31.40
N SER C 129 10.49 -18.65 -30.28
CA SER C 129 10.03 -19.73 -29.42
C SER C 129 8.89 -20.54 -30.02
N GLY C 130 8.26 -20.05 -31.08
CA GLY C 130 7.19 -20.76 -31.76
C GLY C 130 5.79 -20.31 -31.42
N THR C 131 5.63 -19.29 -30.57
CA THR C 131 4.32 -18.78 -30.21
C THR C 131 4.36 -17.26 -30.28
N ALA C 132 3.19 -16.65 -30.47
CA ALA C 132 3.08 -15.19 -30.56
C ALA C 132 2.00 -14.72 -29.61
N SER C 133 2.28 -13.65 -28.87
CA SER C 133 1.31 -13.06 -27.96
C SER C 133 1.23 -11.57 -28.24
N VAL C 134 0.02 -11.09 -28.52
CA VAL C 134 -0.26 -9.67 -28.73
C VAL C 134 -1.02 -9.17 -27.51
N VAL C 135 -0.55 -8.07 -26.92
CA VAL C 135 -1.08 -7.57 -25.66
C VAL C 135 -1.80 -6.25 -25.91
N CYS C 136 -3.00 -6.12 -25.35
CA CYS C 136 -3.77 -4.88 -25.38
C CYS C 136 -3.95 -4.41 -23.94
N LEU C 137 -3.34 -3.26 -23.62
CA LEU C 137 -3.33 -2.72 -22.27
C LEU C 137 -4.28 -1.54 -22.17
N LEU C 138 -5.15 -1.56 -21.15
CA LEU C 138 -6.07 -0.47 -20.84
C LEU C 138 -5.69 0.04 -19.46
N ASN C 139 -5.11 1.24 -19.40
CA ASN C 139 -4.54 1.77 -18.18
C ASN C 139 -5.45 2.84 -17.59
N ASN C 140 -5.76 2.70 -16.30
CA ASN C 140 -6.47 3.70 -15.50
C ASN C 140 -7.82 4.08 -16.08
N PHE C 141 -8.86 3.35 -15.73
CA PHE C 141 -10.20 3.64 -16.22
C PHE C 141 -11.23 3.33 -15.14
N TYR C 142 -12.41 3.95 -15.28
CA TYR C 142 -13.56 3.74 -14.42
C TYR C 142 -14.80 4.14 -15.21
N PRO C 143 -15.90 3.37 -15.12
CA PRO C 143 -16.09 2.19 -14.28
C PRO C 143 -15.44 0.92 -14.81
N ARG C 144 -15.72 -0.19 -14.13
CA ARG C 144 -15.10 -1.47 -14.47
C ARG C 144 -15.55 -1.98 -15.82
N GLU C 145 -16.80 -1.70 -16.20
CA GLU C 145 -17.38 -2.23 -17.43
C GLU C 145 -16.66 -1.65 -18.65
N ALA C 146 -15.88 -2.48 -19.32
CA ALA C 146 -15.23 -2.11 -20.57
C ALA C 146 -15.04 -3.37 -21.39
N LYS C 147 -15.22 -3.28 -22.70
CA LYS C 147 -15.16 -4.46 -23.56
C LYS C 147 -14.07 -4.28 -24.62
N VAL C 148 -13.21 -5.29 -24.73
CA VAL C 148 -12.10 -5.28 -25.68
C VAL C 148 -12.34 -6.37 -26.71
N GLN C 149 -12.19 -6.01 -27.98
CA GLN C 149 -12.42 -6.91 -29.10
C GLN C 149 -11.17 -6.97 -29.96
N TRP C 150 -10.73 -8.19 -30.29
CA TRP C 150 -9.55 -8.37 -31.12
C TRP C 150 -9.97 -8.54 -32.57
N LYS C 151 -9.26 -7.86 -33.47
CA LYS C 151 -9.52 -7.91 -34.90
C LYS C 151 -8.21 -8.10 -35.63
N VAL C 152 -8.08 -9.24 -36.30
CA VAL C 152 -6.93 -9.54 -37.14
C VAL C 152 -7.44 -9.55 -38.58
N ASP C 153 -7.09 -8.51 -39.34
CA ASP C 153 -7.67 -8.28 -40.66
C ASP C 153 -9.20 -8.22 -40.58
N ASN C 154 -9.69 -7.45 -39.61
CA ASN C 154 -11.12 -7.21 -39.39
C ASN C 154 -11.90 -8.47 -39.02
N ALA C 155 -11.22 -9.53 -38.59
CA ALA C 155 -11.88 -10.77 -38.20
C ALA C 155 -11.95 -10.86 -36.68
N LEU C 156 -13.16 -11.05 -36.16
CA LEU C 156 -13.36 -11.17 -34.72
C LEU C 156 -12.89 -12.54 -34.23
N GLN C 157 -12.01 -12.55 -33.23
CA GLN C 157 -11.46 -13.77 -32.68
C GLN C 157 -12.14 -14.10 -31.35
N SER C 158 -12.30 -15.40 -31.09
CA SER C 158 -12.91 -15.87 -29.86
C SER C 158 -12.21 -17.15 -29.42
N GLY C 159 -12.18 -17.36 -28.11
CA GLY C 159 -11.58 -18.54 -27.53
C GLY C 159 -10.05 -18.55 -27.53
N ASN C 160 -9.41 -17.53 -28.08
CA ASN C 160 -7.95 -17.45 -28.12
C ASN C 160 -7.43 -16.19 -27.45
N SER C 161 -8.25 -15.54 -26.62
CA SER C 161 -7.86 -14.33 -25.91
C SER C 161 -8.24 -14.48 -24.44
N GLN C 162 -7.40 -13.95 -23.56
CA GLN C 162 -7.65 -14.02 -22.13
C GLN C 162 -7.43 -12.65 -21.49
N GLU C 163 -8.30 -12.29 -20.57
CA GLU C 163 -8.27 -10.98 -19.92
C GLU C 163 -7.78 -11.12 -18.48
N SER C 164 -7.26 -10.00 -17.96
CA SER C 164 -6.85 -9.92 -16.57
C SER C 164 -7.07 -8.48 -16.12
N VAL C 165 -7.50 -8.32 -14.87
CA VAL C 165 -7.85 -7.02 -14.32
C VAL C 165 -7.21 -6.86 -12.95
N THR C 166 -6.66 -5.68 -12.70
CA THR C 166 -6.09 -5.36 -11.40
C THR C 166 -7.20 -4.87 -10.46
N GLU C 167 -6.95 -5.02 -9.16
CA GLU C 167 -7.84 -4.45 -8.16
C GLU C 167 -7.74 -2.93 -8.16
N GLN C 168 -8.81 -2.29 -7.69
CA GLN C 168 -8.85 -0.83 -7.60
C GLN C 168 -7.64 -0.30 -6.85
N ASP C 169 -6.97 0.68 -7.46
CA ASP C 169 -5.75 1.24 -6.88
C ASP C 169 -6.09 2.01 -5.60
N SER C 170 -5.09 2.11 -4.72
CA SER C 170 -5.32 2.73 -3.42
C SER C 170 -5.53 4.23 -3.53
N LYS C 171 -4.96 4.87 -4.55
CA LYS C 171 -5.01 6.33 -4.67
C LYS C 171 -6.21 6.79 -5.48
N ASP C 172 -6.19 6.53 -6.79
CA ASP C 172 -7.21 7.03 -7.70
C ASP C 172 -8.40 6.11 -7.86
N SER C 173 -8.35 4.90 -7.30
CA SER C 173 -9.48 3.96 -7.34
C SER C 173 -9.91 3.66 -8.77
N THR C 174 -8.92 3.38 -9.63
CA THR C 174 -9.15 3.06 -11.02
C THR C 174 -8.80 1.59 -11.28
N TYR C 175 -9.09 1.15 -12.50
CA TYR C 175 -8.81 -0.20 -12.93
C TYR C 175 -7.79 -0.22 -14.06
N SER C 176 -7.17 -1.39 -14.24
CA SER C 176 -6.27 -1.63 -15.36
C SER C 176 -6.55 -3.03 -15.89
N LEU C 177 -6.52 -3.17 -17.21
CA LEU C 177 -6.87 -4.42 -17.87
C LEU C 177 -5.80 -4.78 -18.88
N SER C 178 -5.58 -6.08 -19.03
CA SER C 178 -4.66 -6.59 -20.03
C SER C 178 -5.34 -7.74 -20.76
N SER C 179 -5.34 -7.68 -22.08
CA SER C 179 -5.90 -8.73 -22.92
C SER C 179 -4.76 -9.35 -23.72
N THR C 180 -4.54 -10.65 -23.53
CA THR C 180 -3.48 -11.37 -24.21
C THR C 180 -4.09 -12.27 -25.27
N LEU C 181 -3.66 -12.09 -26.51
CA LEU C 181 -4.08 -12.91 -27.64
C LEU C 181 -2.93 -13.83 -28.02
N THR C 182 -3.15 -15.14 -27.92
CA THR C 182 -2.12 -16.13 -28.16
C THR C 182 -2.38 -16.83 -29.48
N LEU C 183 -1.37 -16.85 -30.34
CA LEU C 183 -1.45 -17.45 -31.66
C LEU C 183 -0.19 -18.27 -31.93
N SER C 184 -0.28 -19.14 -32.93
CA SER C 184 0.92 -19.79 -33.44
C SER C 184 1.68 -18.84 -34.36
N LYS C 185 2.96 -19.13 -34.55
CA LYS C 185 3.78 -18.27 -35.39
C LYS C 185 3.28 -18.24 -36.83
N ALA C 186 2.78 -19.38 -37.33
CA ALA C 186 2.23 -19.42 -38.67
C ALA C 186 0.97 -18.58 -38.77
N ASP C 187 0.03 -18.76 -37.83
CA ASP C 187 -1.18 -17.95 -37.82
C ASP C 187 -0.85 -16.46 -37.67
N TYR C 188 0.23 -16.14 -36.96
CA TYR C 188 0.63 -14.75 -36.82
C TYR C 188 1.19 -14.20 -38.14
N GLU C 189 2.03 -14.97 -38.82
CA GLU C 189 2.64 -14.51 -40.06
C GLU C 189 1.67 -14.56 -41.24
N LYS C 190 0.51 -15.20 -41.09
CA LYS C 190 -0.45 -15.24 -42.20
C LYS C 190 -1.02 -13.85 -42.49
N HIS C 191 -1.46 -13.14 -41.45
CA HIS C 191 -2.10 -11.85 -41.60
C HIS C 191 -1.09 -10.72 -41.41
N LYS C 192 -1.58 -9.48 -41.40
CA LYS C 192 -0.71 -8.32 -41.37
C LYS C 192 -1.12 -7.30 -40.31
N VAL C 193 -2.42 -6.97 -40.25
CA VAL C 193 -2.92 -5.92 -39.36
C VAL C 193 -3.53 -6.56 -38.13
N TYR C 194 -3.14 -6.07 -36.95
CA TYR C 194 -3.66 -6.57 -35.68
C TYR C 194 -4.12 -5.37 -34.86
N ALA C 195 -5.39 -5.40 -34.43
CA ALA C 195 -5.96 -4.28 -33.71
C ALA C 195 -6.79 -4.78 -32.54
N CYS C 196 -6.86 -3.96 -31.50
CA CYS C 196 -7.83 -4.17 -30.42
C CYS C 196 -8.69 -2.91 -30.31
N GLU C 197 -10.00 -3.12 -30.27
CA GLU C 197 -10.98 -2.05 -30.17
C GLU C 197 -11.60 -2.10 -28.77
N VAL C 198 -11.59 -0.96 -28.09
CA VAL C 198 -12.11 -0.83 -26.74
C VAL C 198 -13.37 0.01 -26.77
N THR C 199 -14.44 -0.51 -26.18
CA THR C 199 -15.65 0.26 -25.94
C THR C 199 -15.83 0.44 -24.44
N HIS C 200 -16.13 1.67 -24.03
CA HIS C 200 -16.23 2.03 -22.63
C HIS C 200 -17.22 3.19 -22.49
N GLN C 201 -17.72 3.36 -21.26
CA GLN C 201 -18.67 4.43 -21.02
C GLN C 201 -18.05 5.81 -21.23
N GLY C 202 -16.77 5.95 -20.87
CA GLY C 202 -16.09 7.23 -21.02
C GLY C 202 -15.65 7.57 -22.43
N LEU C 203 -15.69 6.61 -23.35
CA LEU C 203 -15.32 6.83 -24.74
C LEU C 203 -16.58 7.07 -25.56
N SER C 204 -16.65 8.24 -26.21
CA SER C 204 -17.82 8.54 -27.04
C SER C 204 -17.94 7.59 -28.21
N SER C 205 -16.82 7.10 -28.73
CA SER C 205 -16.78 6.13 -29.80
C SER C 205 -15.72 5.08 -29.48
N PRO C 206 -15.92 3.84 -29.90
CA PRO C 206 -14.92 2.79 -29.62
C PRO C 206 -13.57 3.15 -30.20
N VAL C 207 -12.54 3.08 -29.36
CA VAL C 207 -11.18 3.48 -29.74
C VAL C 207 -10.40 2.23 -30.13
N THR C 208 -9.84 2.24 -31.34
CA THR C 208 -9.11 1.10 -31.88
C THR C 208 -7.64 1.41 -31.98
N LYS C 209 -6.80 0.53 -31.44
CA LYS C 209 -5.35 0.61 -31.58
C LYS C 209 -4.85 -0.55 -32.42
N SER C 210 -4.11 -0.24 -33.48
CA SER C 210 -3.69 -1.23 -34.46
C SER C 210 -2.21 -1.10 -34.74
N PHE C 211 -1.66 -2.18 -35.32
CA PHE C 211 -0.29 -2.18 -35.82
C PHE C 211 -0.17 -3.21 -36.92
N ASN C 212 0.75 -2.97 -37.84
CA ASN C 212 1.00 -3.88 -38.96
C ASN C 212 2.18 -4.79 -38.65
N ARG C 213 2.03 -6.07 -39.00
CA ARG C 213 3.09 -7.05 -38.77
C ARG C 213 4.32 -6.68 -39.59
N GLY C 214 5.46 -6.51 -38.91
CA GLY C 214 6.68 -6.12 -39.57
C GLY C 214 6.94 -4.63 -39.60
N GLU C 215 6.05 -3.83 -39.03
CA GLU C 215 6.20 -2.37 -39.00
C GLU C 215 7.44 -1.95 -38.20
N VAL D 2 -8.76 -19.55 21.41
CA VAL D 2 -9.00 -20.74 20.59
C VAL D 2 -8.62 -20.47 19.14
N GLN D 3 -7.78 -21.35 18.59
CA GLN D 3 -7.31 -21.23 17.21
C GLN D 3 -7.41 -22.56 16.49
N LEU D 4 -7.61 -22.48 15.17
CA LEU D 4 -7.69 -23.64 14.29
C LEU D 4 -6.47 -23.65 13.40
N GLN D 5 -5.70 -24.73 13.46
CA GLN D 5 -4.54 -24.93 12.60
C GLN D 5 -4.87 -25.96 11.53
N GLN D 6 -4.33 -25.77 10.34
CA GLN D 6 -4.65 -26.61 9.19
C GLN D 6 -3.37 -27.13 8.56
N TRP D 7 -3.43 -28.37 8.09
CA TRP D 7 -2.33 -28.89 7.27
C TRP D 7 -2.85 -29.97 6.34
N GLY D 8 -1.98 -30.39 5.44
CA GLY D 8 -2.33 -31.31 4.37
C GLY D 8 -1.69 -30.85 3.08
N ALA D 9 -1.54 -31.79 2.14
CA ALA D 9 -0.91 -31.47 0.87
C ALA D 9 -1.72 -30.42 0.11
N GLY D 10 -1.02 -29.41 -0.42
CA GLY D 10 -1.68 -28.32 -1.10
C GLY D 10 -1.38 -28.28 -2.60
N LEU D 11 -0.64 -29.26 -3.09
CA LEU D 11 -0.33 -29.39 -4.51
C LEU D 11 -0.58 -30.83 -4.91
N LEU D 12 -1.65 -31.05 -5.67
CA LEU D 12 -2.11 -32.40 -5.99
C LEU D 12 -2.35 -32.54 -7.48
N LYS D 13 -2.44 -33.80 -7.92
CA LYS D 13 -2.75 -34.15 -9.29
C LYS D 13 -4.20 -34.57 -9.42
N PRO D 14 -4.78 -34.49 -10.61
CA PRO D 14 -6.17 -34.93 -10.79
C PRO D 14 -6.30 -36.43 -10.54
N SER D 15 -7.53 -36.85 -10.23
CA SER D 15 -7.85 -38.25 -9.92
C SER D 15 -7.05 -38.73 -8.71
N GLU D 16 -6.87 -37.86 -7.72
CA GLU D 16 -6.21 -38.17 -6.47
C GLU D 16 -7.11 -37.74 -5.32
N THR D 17 -6.69 -38.05 -4.10
CA THR D 17 -7.49 -37.79 -2.90
C THR D 17 -6.88 -36.65 -2.11
N LEU D 18 -7.66 -35.61 -1.87
CA LEU D 18 -7.26 -34.50 -1.01
C LEU D 18 -7.61 -34.83 0.44
N SER D 19 -6.62 -34.76 1.32
CA SER D 19 -6.80 -35.05 2.73
C SER D 19 -6.26 -33.89 3.55
N LEU D 20 -7.14 -33.21 4.27
CA LEU D 20 -6.77 -32.07 5.09
C LEU D 20 -7.13 -32.33 6.54
N THR D 21 -6.39 -31.68 7.44
CA THR D 21 -6.56 -31.86 8.88
C THR D 21 -6.67 -30.49 9.54
N CYS D 22 -7.61 -30.37 10.46
CA CYS D 22 -7.83 -29.16 11.25
C CYS D 22 -7.78 -29.54 12.72
N ALA D 23 -6.88 -28.91 13.46
CA ALA D 23 -6.69 -29.14 14.88
C ALA D 23 -7.09 -27.87 15.64
N VAL D 24 -7.86 -28.04 16.70
CA VAL D 24 -8.41 -26.93 17.46
C VAL D 24 -7.71 -26.86 18.81
N TYR D 25 -7.33 -25.65 19.22
CA TYR D 25 -6.74 -25.42 20.53
C TYR D 25 -7.55 -24.38 21.28
N SER D 28 -13.16 -26.59 24.69
CA SER D 28 -13.81 -27.88 24.61
C SER D 28 -14.22 -28.20 23.17
N PHE D 29 -13.66 -29.29 22.64
CA PHE D 29 -13.94 -29.69 21.26
C PHE D 29 -15.38 -30.15 21.09
N SER D 30 -15.93 -30.84 22.09
CA SER D 30 -17.32 -31.24 22.04
C SER D 30 -18.22 -30.01 22.20
N ALA D 31 -19.54 -30.26 22.15
CA ALA D 31 -20.54 -29.21 22.25
C ALA D 31 -20.36 -28.16 21.16
N PHE D 32 -19.81 -28.56 20.01
CA PHE D 32 -19.58 -27.65 18.90
C PHE D 32 -19.63 -28.42 17.59
N SER D 33 -20.31 -27.84 16.61
CA SER D 33 -20.21 -28.33 15.24
C SER D 33 -18.95 -27.78 14.59
N TRP D 34 -18.39 -28.56 13.66
CA TRP D 34 -17.16 -28.19 12.98
C TRP D 34 -17.35 -28.37 11.49
N SER D 35 -17.13 -27.32 10.72
CA SER D 35 -17.48 -27.29 9.31
C SER D 35 -16.25 -27.03 8.44
N TRP D 36 -16.30 -27.59 7.23
CA TRP D 36 -15.36 -27.30 6.17
C TRP D 36 -16.07 -26.49 5.09
N ILE D 37 -15.41 -25.41 4.66
CA ILE D 37 -15.89 -24.49 3.63
C ILE D 37 -14.76 -24.29 2.63
N ARG D 38 -15.11 -23.97 1.39
CA ARG D 38 -14.09 -23.72 0.39
C ARG D 38 -14.44 -22.50 -0.44
N GLN D 39 -13.41 -21.92 -1.05
CA GLN D 39 -13.54 -20.75 -1.88
C GLN D 39 -12.63 -20.90 -3.11
N PRO D 40 -13.21 -21.06 -4.29
CA PRO D 40 -12.40 -21.09 -5.52
C PRO D 40 -11.71 -19.76 -5.74
N PRO D 41 -10.60 -19.74 -6.49
CA PRO D 41 -9.86 -18.48 -6.68
C PRO D 41 -10.68 -17.42 -7.38
N GLY D 42 -11.03 -16.35 -6.67
CA GLY D 42 -11.81 -15.27 -7.24
C GLY D 42 -13.30 -15.53 -7.31
N LYS D 43 -13.80 -16.52 -6.57
CA LYS D 43 -15.21 -16.88 -6.57
C LYS D 43 -15.78 -16.78 -5.16
N GLY D 44 -17.03 -17.24 -4.99
CA GLY D 44 -17.71 -17.12 -3.73
C GLY D 44 -17.53 -18.33 -2.82
N LEU D 45 -17.87 -18.13 -1.55
CA LEU D 45 -17.75 -19.19 -0.56
C LEU D 45 -18.78 -20.29 -0.80
N GLU D 46 -18.38 -21.53 -0.55
CA GLU D 46 -19.27 -22.68 -0.70
C GLU D 46 -19.09 -23.60 0.50
N TRP D 47 -20.17 -23.86 1.22
CA TRP D 47 -20.12 -24.75 2.36
C TRP D 47 -19.98 -26.20 1.89
N ILE D 48 -19.00 -26.91 2.46
CA ILE D 48 -18.74 -28.29 2.06
C ILE D 48 -19.45 -29.24 3.02
N GLY D 49 -19.17 -29.11 4.31
CA GLY D 49 -19.81 -30.05 5.22
C GLY D 49 -19.57 -29.71 6.67
N GLU D 50 -20.15 -30.53 7.55
CA GLU D 50 -20.04 -30.34 8.99
C GLU D 50 -20.11 -31.68 9.70
N VAL D 51 -19.51 -31.71 10.89
CA VAL D 51 -19.49 -32.89 11.76
C VAL D 51 -19.61 -32.43 13.21
N ASP D 52 -20.00 -33.36 14.07
CA ASP D 52 -20.05 -33.12 15.51
C ASP D 52 -19.21 -34.18 16.23
N HIS D 53 -19.26 -34.17 17.55
CA HIS D 53 -18.45 -35.10 18.34
C HIS D 53 -18.94 -36.53 18.18
N SER D 54 -20.22 -36.72 17.93
CA SER D 54 -20.78 -38.06 17.77
C SER D 54 -20.42 -38.70 16.43
N GLY D 55 -19.82 -37.95 15.52
CA GLY D 55 -19.52 -38.45 14.19
C GLY D 55 -20.61 -38.22 13.17
N SER D 56 -21.74 -37.66 13.57
CA SER D 56 -22.81 -37.36 12.64
C SER D 56 -22.37 -36.28 11.67
N THR D 57 -22.66 -36.49 10.38
CA THR D 57 -22.16 -35.61 9.33
C THR D 57 -23.33 -34.98 8.58
N ASN D 58 -23.04 -33.87 7.92
CA ASN D 58 -23.95 -33.26 6.96
C ASN D 58 -23.12 -32.68 5.82
N TYR D 59 -23.54 -32.92 4.59
CA TYR D 59 -22.74 -32.54 3.43
C TYR D 59 -23.55 -31.69 2.47
N ASN D 60 -22.83 -30.92 1.65
CA ASN D 60 -23.46 -30.21 0.54
C ASN D 60 -23.91 -31.22 -0.50
N PRO D 61 -25.15 -31.13 -0.98
CA PRO D 61 -25.63 -32.10 -1.98
C PRO D 61 -24.81 -32.09 -3.27
N SER D 62 -24.12 -30.99 -3.58
CA SER D 62 -23.31 -30.95 -4.80
C SER D 62 -22.08 -31.84 -4.69
N LEU D 63 -21.54 -32.02 -3.48
CA LEU D 63 -20.32 -32.78 -3.28
C LEU D 63 -20.55 -34.06 -2.47
N LYS D 64 -21.81 -34.44 -2.25
CA LYS D 64 -22.12 -35.55 -1.35
C LYS D 64 -21.45 -36.85 -1.79
N SER D 65 -21.29 -37.07 -3.10
CA SER D 65 -20.79 -38.34 -3.60
C SER D 65 -19.30 -38.53 -3.34
N ARG D 66 -18.54 -37.45 -3.18
CA ARG D 66 -17.08 -37.52 -3.10
C ARG D 66 -16.50 -37.09 -1.76
N VAL D 67 -17.27 -36.46 -0.89
CA VAL D 67 -16.73 -35.85 0.33
C VAL D 67 -16.94 -36.78 1.51
N THR D 68 -15.95 -36.82 2.40
CA THR D 68 -16.05 -37.54 3.66
C THR D 68 -15.36 -36.71 4.74
N ILE D 69 -16.09 -36.31 5.76
CA ILE D 69 -15.56 -35.53 6.86
C ILE D 69 -15.57 -36.40 8.11
N SER D 70 -14.40 -36.56 8.71
CA SER D 70 -14.24 -37.43 9.88
C SER D 70 -13.79 -36.60 11.08
N VAL D 71 -13.85 -37.23 12.25
CA VAL D 71 -13.60 -36.54 13.51
C VAL D 71 -12.79 -37.45 14.43
N ASP D 72 -12.02 -36.85 15.33
CA ASP D 72 -11.29 -37.58 16.36
C ASP D 72 -11.28 -36.69 17.61
N THR D 73 -12.14 -37.02 18.58
CA THR D 73 -12.24 -36.25 19.81
C THR D 73 -11.12 -36.58 20.80
N SER D 74 -10.46 -37.73 20.62
CA SER D 74 -9.33 -38.05 21.50
C SER D 74 -8.17 -37.07 21.30
N LYS D 75 -8.03 -36.51 20.10
CA LYS D 75 -6.98 -35.56 19.80
C LYS D 75 -7.52 -34.18 19.45
N ASN D 76 -8.84 -33.98 19.52
CA ASN D 76 -9.50 -32.72 19.18
C ASN D 76 -9.13 -32.26 17.76
N GLN D 77 -9.38 -33.15 16.80
CA GLN D 77 -9.09 -32.85 15.40
C GLN D 77 -10.25 -33.30 14.52
N PHE D 78 -10.34 -32.71 13.33
CA PHE D 78 -11.28 -33.21 12.34
C PHE D 78 -10.69 -33.06 10.94
N PHE D 79 -11.05 -34.01 10.08
CA PHE D 79 -10.38 -34.20 8.80
C PHE D 79 -11.38 -34.13 7.66
N LEU D 80 -10.88 -33.65 6.52
CA LEU D 80 -11.65 -33.57 5.28
C LEU D 80 -10.98 -34.46 4.23
N LYS D 81 -11.80 -35.20 3.48
CA LYS D 81 -11.30 -36.08 2.43
C LYS D 81 -12.17 -35.92 1.19
N LEU D 82 -11.53 -35.65 0.06
CA LEU D 82 -12.23 -35.44 -1.21
C LEU D 82 -11.56 -36.31 -2.28
N VAL D 83 -12.30 -37.30 -2.78
CA VAL D 83 -11.78 -38.23 -3.76
C VAL D 83 -12.17 -37.78 -5.15
N SER D 84 -11.40 -38.24 -6.15
CA SER D 84 -11.63 -37.93 -7.55
C SER D 84 -11.67 -36.41 -7.78
N LEU D 85 -10.49 -35.81 -7.66
CA LEU D 85 -10.36 -34.37 -7.76
C LEU D 85 -10.36 -33.94 -9.22
N THR D 86 -10.81 -32.71 -9.45
CA THR D 86 -10.83 -32.13 -10.78
C THR D 86 -10.36 -30.68 -10.68
N ALA D 87 -10.01 -30.09 -11.83
CA ALA D 87 -9.54 -28.71 -11.85
C ALA D 87 -10.51 -27.75 -11.19
N ALA D 88 -11.80 -28.10 -11.14
CA ALA D 88 -12.79 -27.27 -10.46
C ALA D 88 -12.65 -27.30 -8.95
N ASP D 89 -11.82 -28.19 -8.40
CA ASP D 89 -11.65 -28.31 -6.95
C ASP D 89 -10.46 -27.52 -6.42
N THR D 90 -9.71 -26.84 -7.28
CA THR D 90 -8.65 -25.95 -6.82
C THR D 90 -9.26 -24.78 -6.06
N ALA D 91 -8.90 -24.63 -4.79
CA ALA D 91 -9.56 -23.64 -3.95
C ALA D 91 -8.80 -23.49 -2.64
N VAL D 92 -9.19 -22.46 -1.88
CA VAL D 92 -8.74 -22.29 -0.51
C VAL D 92 -9.77 -22.93 0.41
N TYR D 93 -9.33 -23.86 1.24
CA TYR D 93 -10.20 -24.62 2.13
C TYR D 93 -10.00 -24.14 3.56
N TYR D 94 -11.09 -23.68 4.19
CA TYR D 94 -11.08 -23.25 5.58
C TYR D 94 -11.86 -24.25 6.43
N CYS D 95 -11.41 -24.45 7.66
CA CYS D 95 -12.25 -25.06 8.68
C CYS D 95 -12.78 -23.97 9.60
N ALA D 96 -13.92 -24.23 10.23
CA ALA D 96 -14.56 -23.22 11.04
C ALA D 96 -15.40 -23.89 12.12
N ARG D 97 -15.63 -23.14 13.19
CA ARG D 97 -16.50 -23.59 14.26
C ARG D 97 -17.95 -23.35 13.87
N GLY D 98 -18.79 -24.37 14.04
CA GLY D 98 -20.20 -24.23 13.70
C GLY D 98 -21.03 -23.73 14.86
N GLY D 99 -22.19 -24.35 15.08
CA GLY D 99 -23.08 -23.95 16.15
C GLY D 99 -22.76 -24.58 17.48
N ARG D 100 -23.35 -24.02 18.53
CA ARG D 100 -23.12 -24.50 19.88
C ARG D 100 -24.21 -25.49 20.27
N LYS D 101 -23.81 -26.52 21.01
CA LYS D 101 -24.78 -27.48 21.53
C LYS D 101 -25.50 -26.88 22.72
N VAL D 102 -26.82 -26.95 22.70
CA VAL D 102 -27.66 -26.45 23.77
C VAL D 102 -28.44 -27.63 24.34
N TYR D 103 -28.39 -27.80 25.66
CA TYR D 103 -29.05 -28.90 26.32
C TYR D 103 -30.18 -28.38 27.19
N HIS D 104 -31.39 -28.89 26.95
CA HIS D 104 -32.54 -28.71 27.82
C HIS D 104 -33.19 -30.06 28.04
N PRO D 105 -33.84 -30.26 29.19
CA PRO D 105 -34.50 -31.55 29.43
C PRO D 105 -35.56 -31.90 28.39
N TYR D 106 -36.14 -30.90 27.73
CA TYR D 106 -37.19 -31.15 26.74
C TYR D 106 -36.70 -31.07 25.30
N TRP D 107 -35.49 -30.57 25.07
CA TRP D 107 -34.99 -30.40 23.72
C TRP D 107 -33.47 -30.26 23.76
N THR D 108 -32.81 -30.84 22.76
CA THR D 108 -31.36 -30.73 22.62
C THR D 108 -31.04 -30.61 21.14
N GLY D 109 -30.11 -29.71 20.82
CA GLY D 109 -29.73 -29.50 19.43
C GLY D 109 -28.70 -28.41 19.31
N TYR D 110 -28.27 -28.17 18.08
CA TYR D 110 -27.28 -27.15 17.77
C TYR D 110 -27.97 -25.88 17.29
N VAL D 111 -27.50 -24.73 17.79
CA VAL D 111 -28.07 -23.43 17.47
C VAL D 111 -26.94 -22.52 17.03
N ASN D 112 -27.32 -21.47 16.28
CA ASN D 112 -26.37 -20.47 15.78
C ASN D 112 -25.28 -21.10 14.94
N ASN D 113 -25.71 -21.78 13.87
CA ASN D 113 -24.78 -22.50 13.01
C ASN D 113 -24.07 -21.55 12.06
N CYS D 114 -23.47 -20.49 12.59
CA CYS D 114 -22.61 -19.59 11.84
C CYS D 114 -21.16 -19.89 12.16
N PHE D 115 -20.26 -19.47 11.27
CA PHE D 115 -18.89 -19.93 11.26
C PHE D 115 -17.97 -18.83 11.79
N ASP D 116 -17.36 -19.08 12.96
CA ASP D 116 -16.39 -18.23 13.62
C ASP D 116 -15.85 -18.94 14.85
N PRO D 117 -14.52 -19.03 15.03
CA PRO D 117 -13.48 -18.48 14.15
C PRO D 117 -13.18 -19.38 12.95
N TRP D 118 -12.19 -18.98 12.15
CA TRP D 118 -11.80 -19.71 10.95
C TRP D 118 -10.35 -20.13 11.06
N GLY D 119 -10.00 -21.20 10.32
CA GLY D 119 -8.62 -21.57 10.16
C GLY D 119 -7.91 -20.60 9.23
N GLN D 120 -6.58 -20.74 9.17
CA GLN D 120 -5.79 -19.88 8.29
C GLN D 120 -6.14 -20.10 6.83
N GLY D 121 -6.56 -21.31 6.47
CA GLY D 121 -6.91 -21.62 5.10
C GLY D 121 -5.77 -22.31 4.36
N THR D 122 -6.06 -23.44 3.74
CA THR D 122 -5.09 -24.19 2.98
C THR D 122 -5.42 -24.07 1.50
N LEU D 123 -4.50 -23.52 0.71
CA LEU D 123 -4.66 -23.47 -0.73
C LEU D 123 -4.32 -24.81 -1.34
N VAL D 124 -5.17 -25.31 -2.22
CA VAL D 124 -4.91 -26.56 -2.93
C VAL D 124 -5.15 -26.34 -4.42
N THR D 125 -4.15 -26.70 -5.22
CA THR D 125 -4.22 -26.62 -6.68
C THR D 125 -4.07 -28.03 -7.23
N VAL D 126 -5.03 -28.43 -8.06
CA VAL D 126 -5.05 -29.76 -8.66
C VAL D 126 -4.82 -29.62 -10.15
N SER D 127 -3.70 -30.17 -10.63
CA SER D 127 -3.33 -30.16 -12.04
C SER D 127 -2.17 -31.15 -12.22
N SER D 128 -2.09 -31.74 -13.41
CA SER D 128 -1.07 -32.73 -13.70
C SER D 128 0.25 -32.11 -14.15
N ALA D 129 0.32 -30.78 -14.27
CA ALA D 129 1.54 -30.13 -14.71
C ALA D 129 2.57 -30.12 -13.59
N SER D 130 3.84 -30.14 -13.97
CA SER D 130 4.94 -30.10 -13.02
C SER D 130 5.63 -28.74 -13.06
N THR D 131 6.52 -28.54 -12.08
CA THR D 131 7.19 -27.26 -11.89
C THR D 131 8.04 -26.92 -13.11
N LYS D 132 7.72 -25.79 -13.74
CA LYS D 132 8.44 -25.32 -14.92
C LYS D 132 8.85 -23.87 -14.72
N GLY D 133 9.99 -23.51 -15.29
CA GLY D 133 10.48 -22.16 -15.22
C GLY D 133 9.77 -21.23 -16.20
N PRO D 134 9.63 -19.97 -15.83
CA PRO D 134 8.90 -19.02 -16.67
C PRO D 134 9.73 -18.48 -17.81
N SER D 135 9.03 -18.12 -18.89
CA SER D 135 9.63 -17.42 -20.02
C SER D 135 9.23 -15.95 -19.94
N VAL D 136 10.22 -15.06 -19.94
CA VAL D 136 10.02 -13.63 -19.78
C VAL D 136 10.35 -12.95 -21.10
N PHE D 137 9.36 -12.30 -21.70
CA PHE D 137 9.52 -11.60 -22.97
C PHE D 137 9.28 -10.11 -22.79
N PRO D 138 10.07 -9.26 -23.45
CA PRO D 138 9.89 -7.81 -23.28
C PRO D 138 8.73 -7.30 -24.12
N LEU D 139 7.88 -6.48 -23.49
CA LEU D 139 6.84 -5.71 -24.17
C LEU D 139 7.42 -4.31 -24.37
N ALA D 140 7.96 -4.08 -25.57
CA ALA D 140 8.69 -2.86 -25.84
C ALA D 140 7.74 -1.67 -25.99
N PRO D 141 8.16 -0.48 -25.57
CA PRO D 141 7.26 0.68 -25.67
C PRO D 141 7.00 1.13 -27.09
N SER D 142 8.02 1.16 -27.94
CA SER D 142 7.89 1.56 -29.35
C SER D 142 7.38 3.00 -29.40
N SER D 143 6.41 3.31 -30.26
CA SER D 143 5.87 4.67 -30.39
C SER D 143 4.54 4.73 -29.64
N LYS D 144 4.45 5.65 -28.68
CA LYS D 144 3.26 5.77 -27.85
C LYS D 144 2.99 7.25 -27.58
N SER D 145 2.14 7.51 -26.60
CA SER D 145 1.69 8.87 -26.27
C SER D 145 2.85 9.77 -25.87
N GLY D 149 2.80 12.50 -23.29
CA GLY D 149 4.22 12.28 -23.08
C GLY D 149 4.51 11.10 -22.18
N THR D 150 3.68 10.06 -22.29
CA THR D 150 3.80 8.87 -21.47
C THR D 150 3.87 7.64 -22.36
N ALA D 151 4.76 6.72 -22.02
CA ALA D 151 4.97 5.48 -22.76
C ALA D 151 4.89 4.29 -21.82
N ALA D 152 4.22 3.23 -22.27
CA ALA D 152 4.05 2.02 -21.49
C ALA D 152 5.00 0.94 -21.98
N LEU D 153 5.58 0.19 -21.03
CA LEU D 153 6.46 -0.92 -21.38
C LEU D 153 6.37 -1.97 -20.27
N GLY D 154 6.66 -3.21 -20.62
CA GLY D 154 6.49 -4.24 -19.62
C GLY D 154 7.23 -5.53 -19.92
N CYS D 155 6.85 -6.56 -19.18
CA CYS D 155 7.39 -7.91 -19.33
C CYS D 155 6.26 -8.91 -19.21
N LEU D 156 6.22 -9.86 -20.14
CA LEU D 156 5.26 -10.95 -20.14
C LEU D 156 5.93 -12.19 -19.59
N VAL D 157 5.44 -12.70 -18.46
CA VAL D 157 5.97 -13.88 -17.80
C VAL D 157 4.97 -15.00 -18.02
N LYS D 158 5.27 -15.91 -18.96
CA LYS D 158 4.33 -16.94 -19.35
C LYS D 158 4.93 -18.32 -19.15
N ASP D 159 4.03 -19.30 -18.97
CA ASP D 159 4.39 -20.71 -18.96
C ASP D 159 5.26 -21.05 -17.76
N TYR D 160 4.70 -20.87 -16.56
CA TYR D 160 5.37 -21.23 -15.32
C TYR D 160 4.37 -21.95 -14.41
N PHE D 161 4.92 -22.67 -13.44
CA PHE D 161 4.12 -23.45 -12.49
C PHE D 161 5.02 -23.89 -11.33
N PRO D 162 4.54 -23.81 -10.09
CA PRO D 162 3.24 -23.25 -9.71
C PRO D 162 3.33 -21.79 -9.28
N GLU D 163 2.21 -21.25 -8.80
CA GLU D 163 2.22 -19.91 -8.24
C GLU D 163 2.94 -19.91 -6.90
N PRO D 164 3.49 -18.75 -6.47
CA PRO D 164 3.51 -17.50 -7.22
C PRO D 164 4.89 -17.14 -7.77
N VAL D 165 4.98 -16.00 -8.43
CA VAL D 165 6.22 -15.45 -8.95
C VAL D 165 6.27 -13.96 -8.61
N THR D 166 7.44 -13.48 -8.21
CA THR D 166 7.61 -12.08 -7.85
C THR D 166 8.23 -11.31 -9.00
N VAL D 167 7.60 -10.20 -9.37
CA VAL D 167 8.07 -9.35 -10.45
C VAL D 167 8.28 -7.96 -9.88
N SER D 168 9.49 -7.43 -10.03
CA SER D 168 9.80 -6.08 -9.61
C SER D 168 10.47 -5.34 -10.76
N TRP D 169 10.63 -4.04 -10.60
CA TRP D 169 11.27 -3.20 -11.61
C TRP D 169 12.43 -2.46 -10.97
N ASN D 170 13.62 -2.61 -11.56
CA ASN D 170 14.83 -1.97 -11.07
C ASN D 170 15.08 -2.29 -9.60
N SER D 171 14.91 -3.57 -9.25
CA SER D 171 15.11 -4.06 -7.88
C SER D 171 14.24 -3.30 -6.88
N GLY D 172 13.02 -2.95 -7.28
CA GLY D 172 12.10 -2.26 -6.42
C GLY D 172 12.19 -0.74 -6.46
N ALA D 173 13.08 -0.18 -7.28
CA ALA D 173 13.20 1.27 -7.37
C ALA D 173 11.97 1.88 -8.04
N LEU D 174 11.55 1.31 -9.16
CA LEU D 174 10.41 1.81 -9.91
C LEU D 174 9.15 1.12 -9.41
N THR D 175 8.30 1.87 -8.71
CA THR D 175 7.06 1.32 -8.16
C THR D 175 5.81 2.10 -8.51
N SER D 176 5.92 3.40 -8.84
CA SER D 176 4.74 4.18 -9.19
C SER D 176 4.42 3.96 -10.67
N GLY D 177 3.13 3.74 -10.96
CA GLY D 177 2.71 3.41 -12.30
C GLY D 177 2.94 1.98 -12.71
N VAL D 178 3.35 1.12 -11.78
CA VAL D 178 3.58 -0.29 -12.06
C VAL D 178 2.30 -1.06 -11.81
N HIS D 179 1.92 -1.91 -12.75
CA HIS D 179 0.74 -2.77 -12.63
C HIS D 179 1.15 -4.20 -12.97
N THR D 180 1.09 -5.08 -11.98
CA THR D 180 1.31 -6.51 -12.18
C THR D 180 -0.05 -7.17 -12.07
N PHE D 181 -0.55 -7.69 -13.19
CA PHE D 181 -1.88 -8.26 -13.21
C PHE D 181 -1.90 -9.61 -12.51
N PRO D 182 -3.08 -10.10 -12.12
CA PRO D 182 -3.16 -11.47 -11.61
C PRO D 182 -2.91 -12.49 -12.71
N ALA D 183 -2.35 -13.63 -12.31
CA ALA D 183 -2.04 -14.67 -13.28
C ALA D 183 -3.31 -15.36 -13.75
N VAL D 184 -3.29 -15.75 -15.02
CA VAL D 184 -4.41 -16.46 -15.65
C VAL D 184 -3.97 -17.89 -15.91
N LEU D 185 -4.82 -18.84 -15.55
CA LEU D 185 -4.56 -20.25 -15.79
C LEU D 185 -4.92 -20.59 -17.24
N GLN D 186 -3.92 -20.96 -18.03
CA GLN D 186 -4.14 -21.28 -19.43
C GLN D 186 -4.74 -22.68 -19.56
N SER D 187 -5.19 -23.01 -20.78
CA SER D 187 -5.69 -24.34 -21.05
C SER D 187 -4.59 -25.39 -20.99
N SER D 188 -3.34 -24.99 -21.15
CA SER D 188 -2.21 -25.92 -21.07
C SER D 188 -1.91 -26.35 -19.64
N GLY D 189 -2.48 -25.70 -18.64
CA GLY D 189 -2.22 -26.02 -17.26
C GLY D 189 -1.19 -25.14 -16.57
N LEU D 190 -0.61 -24.18 -17.28
CA LEU D 190 0.39 -23.28 -16.73
C LEU D 190 -0.18 -21.87 -16.60
N TYR D 191 0.58 -21.01 -15.94
CA TYR D 191 0.13 -19.66 -15.64
C TYR D 191 0.87 -18.64 -16.52
N SER D 192 0.18 -17.54 -16.80
CA SER D 192 0.79 -16.42 -17.51
C SER D 192 0.33 -15.12 -16.87
N LEU D 193 1.21 -14.13 -16.87
CA LEU D 193 0.91 -12.82 -16.32
C LEU D 193 1.74 -11.79 -17.06
N SER D 194 1.37 -10.52 -16.91
CA SER D 194 2.10 -9.43 -17.52
C SER D 194 2.24 -8.30 -16.52
N SER D 195 3.43 -7.69 -16.50
CA SER D 195 3.70 -6.54 -15.63
C SER D 195 4.08 -5.36 -16.50
N VAL D 196 3.36 -4.26 -16.34
CA VAL D 196 3.55 -3.07 -17.17
C VAL D 196 3.87 -1.89 -16.27
N VAL D 197 4.41 -0.84 -16.90
CA VAL D 197 4.73 0.40 -16.20
C VAL D 197 4.73 1.53 -17.21
N THR D 198 4.19 2.67 -16.79
CA THR D 198 4.17 3.88 -17.60
C THR D 198 5.27 4.82 -17.13
N VAL D 199 6.01 5.38 -18.08
CA VAL D 199 7.16 6.25 -17.81
C VAL D 199 7.09 7.45 -18.74
N PRO D 200 7.85 8.50 -18.44
CA PRO D 200 7.96 9.60 -19.41
C PRO D 200 8.60 9.11 -20.69
N SER D 201 8.08 9.61 -21.82
CA SER D 201 8.53 9.13 -23.12
C SER D 201 9.99 9.46 -23.40
N SER D 202 10.48 10.59 -22.89
CA SER D 202 11.84 11.01 -23.17
C SER D 202 12.88 10.27 -22.34
N SER D 203 12.45 9.50 -21.35
CA SER D 203 13.37 8.72 -20.51
C SER D 203 13.77 7.40 -21.14
N LEU D 204 13.17 7.02 -22.27
CA LEU D 204 13.44 5.72 -22.88
C LEU D 204 14.85 5.61 -23.44
N GLY D 205 15.50 6.74 -23.75
CA GLY D 205 16.82 6.70 -24.32
C GLY D 205 17.95 6.73 -23.32
N THR D 206 17.70 7.26 -22.13
CA THR D 206 18.74 7.45 -21.12
C THR D 206 18.64 6.47 -19.96
N GLN D 207 17.46 6.32 -19.37
CA GLN D 207 17.30 5.46 -18.21
C GLN D 207 17.09 4.01 -18.62
N THR D 208 17.63 3.10 -17.82
CA THR D 208 17.55 1.67 -18.09
C THR D 208 16.41 1.05 -17.30
N TYR D 209 15.72 0.10 -17.92
CA TYR D 209 14.56 -0.57 -17.34
C TYR D 209 14.80 -2.07 -17.34
N ILE D 210 14.75 -2.68 -16.16
CA ILE D 210 14.96 -4.11 -16.00
C ILE D 210 13.85 -4.67 -15.14
N CYS D 211 13.17 -5.71 -15.64
CA CYS D 211 12.19 -6.43 -14.86
C CYS D 211 12.86 -7.65 -14.23
N ASN D 212 12.79 -7.73 -12.90
CA ASN D 212 13.38 -8.82 -12.12
C ASN D 212 12.26 -9.80 -11.81
N VAL D 213 12.35 -11.01 -12.38
CA VAL D 213 11.36 -12.06 -12.22
C VAL D 213 12.01 -13.18 -11.43
N ASN D 214 11.46 -13.47 -10.24
CA ASN D 214 12.00 -14.50 -9.36
C ASN D 214 10.89 -15.48 -9.04
N HIS D 215 11.12 -16.75 -9.38
CA HIS D 215 10.18 -17.84 -9.11
C HIS D 215 10.95 -18.91 -8.34
N LYS D 216 10.86 -18.85 -7.00
CA LYS D 216 11.59 -19.72 -6.11
C LYS D 216 11.14 -21.19 -6.16
N PRO D 217 9.85 -21.49 -6.36
CA PRO D 217 9.46 -22.89 -6.55
C PRO D 217 10.27 -23.63 -7.60
N SER D 218 10.71 -22.93 -8.66
CA SER D 218 11.62 -23.49 -9.64
C SER D 218 13.02 -22.91 -9.53
N ASN D 219 13.22 -21.94 -8.61
CA ASN D 219 14.51 -21.30 -8.39
C ASN D 219 15.03 -20.66 -9.69
N THR D 220 14.18 -19.89 -10.34
CA THR D 220 14.51 -19.19 -11.58
C THR D 220 14.53 -17.70 -11.31
N LYS D 221 15.70 -17.08 -11.43
CA LYS D 221 15.86 -15.65 -11.26
C LYS D 221 16.36 -15.08 -12.58
N VAL D 222 15.54 -14.25 -13.23
CA VAL D 222 15.86 -13.70 -14.54
C VAL D 222 15.63 -12.18 -14.51
N ASP D 223 16.64 -11.43 -14.92
CA ASP D 223 16.55 -9.98 -15.03
C ASP D 223 16.57 -9.63 -16.51
N LYS D 224 15.42 -9.18 -17.03
CA LYS D 224 15.27 -8.89 -18.45
C LYS D 224 15.20 -7.38 -18.64
N ARG D 225 16.12 -6.85 -19.45
CA ARG D 225 16.13 -5.42 -19.75
C ARG D 225 15.21 -5.14 -20.92
N VAL D 226 14.34 -4.14 -20.74
CA VAL D 226 13.40 -3.71 -21.77
C VAL D 226 13.92 -2.45 -22.42
N GLU D 227 14.18 -2.52 -23.73
CA GLU D 227 14.70 -1.38 -24.47
C GLU D 227 13.72 -0.97 -25.57
N PRO D 228 13.66 0.32 -25.90
CA PRO D 228 12.75 0.75 -26.96
C PRO D 228 13.08 0.10 -28.29
N LYS D 229 12.04 -0.29 -29.02
CA LYS D 229 12.19 -0.99 -30.29
C LYS D 229 11.95 -0.06 -31.47
#